data_3IMB
#
_entry.id   3IMB
#
_cell.length_a   78.562
_cell.length_b   84.053
_cell.length_c   98.947
_cell.angle_alpha   90.00
_cell.angle_beta   100.09
_cell.angle_gamma   90.00
#
_symmetry.space_group_name_H-M   'P 1 21 1'
#
loop_
_entity.id
_entity.type
_entity.pdbx_description
1 polymer R.BcnI
2 polymer "5'-D(*GP*TP*CP*CP*GP*GP*GP*CP*G)-3'"
3 polymer "5'-D(*CP*GP*CP*CP*CP*GP*GP*AP*C)-3'"
4 water water
#
loop_
_entity_poly.entity_id
_entity_poly.type
_entity_poly.pdbx_seq_one_letter_code
_entity_poly.pdbx_strand_id
1 'polypeptide(L)'
;MKIWSKEEVVNKLHEIKNKGYLSVPTDMFRTDDGVVGQILERQFGVQENNITLGDLGEFELKGMRNRKAKSNLTLFHKKP
VAGQTVIQIFNRFGYVKPSSRNPEVMKKKLFTTIKGGRLNNLGLTLNAKHASEINLYYQDEYLSTWDLNLSKIEKLVLVF
AETIGRANSPEEQFHFTKAYMLTEINDITSLINDGVLVMDLCIDQDLSKSKGPHDRGPHLRIPISKLDKLYRNIERLL
;
A,B,C,D
2 'polydeoxyribonucleotide' (DG)(DT)(DC)(DC)(DG)(DG)(DG)(DC)(DG) E,G,I,K
3 'polydeoxyribonucleotide' (DC)(DG)(DC)(DC)(DC)(DG)(DG)(DA)(DC) F,H,J,L
#
loop_
_chem_comp.id
_chem_comp.type
_chem_comp.name
_chem_comp.formula
DA DNA linking 2'-DEOXYADENOSINE-5'-MONOPHOSPHATE 'C10 H14 N5 O6 P'
DC DNA linking 2'-DEOXYCYTIDINE-5'-MONOPHOSPHATE 'C9 H14 N3 O7 P'
DG DNA linking 2'-DEOXYGUANOSINE-5'-MONOPHOSPHATE 'C10 H14 N5 O7 P'
DT DNA linking THYMIDINE-5'-MONOPHOSPHATE 'C10 H15 N2 O8 P'
#
# COMPACT_ATOMS: atom_id res chain seq x y z
N MET A 1 17.06 25.30 -2.06
CA MET A 1 16.73 23.90 -2.39
C MET A 1 17.64 23.37 -3.49
N LYS A 2 18.08 22.12 -3.33
CA LYS A 2 18.78 21.40 -4.38
C LYS A 2 17.78 20.58 -5.20
N ILE A 3 17.76 20.80 -6.51
N ILE A 3 17.78 20.78 -6.51
CA ILE A 3 16.96 19.98 -7.42
CA ILE A 3 16.92 19.97 -7.37
C ILE A 3 17.85 18.91 -8.04
C ILE A 3 17.78 18.91 -8.10
N TRP A 4 17.57 17.65 -7.68
CA TRP A 4 18.43 16.53 -8.06
C TRP A 4 18.18 16.07 -9.47
N SER A 5 19.26 15.63 -10.13
CA SER A 5 19.15 14.91 -11.40
C SER A 5 19.02 13.43 -11.08
N LYS A 6 18.65 12.62 -12.07
CA LYS A 6 18.47 11.18 -11.85
C LYS A 6 19.81 10.53 -11.53
N GLU A 7 20.82 10.90 -12.33
CA GLU A 7 22.17 10.39 -12.17
C GLU A 7 22.68 10.52 -10.73
N GLU A 8 22.45 11.69 -10.13
CA GLU A 8 22.87 12.00 -8.75
C GLU A 8 22.12 11.16 -7.70
N VAL A 9 20.84 10.92 -7.94
CA VAL A 9 20.03 10.05 -7.08
C VAL A 9 20.49 8.60 -7.18
N VAL A 10 20.66 8.09 -8.40
CA VAL A 10 21.18 6.73 -8.61
C VAL A 10 22.54 6.52 -7.93
N ASN A 11 23.47 7.45 -8.15
CA ASN A 11 24.74 7.46 -7.42
C ASN A 11 24.56 7.47 -5.88
N LYS A 12 23.60 8.27 -5.39
CA LYS A 12 23.35 8.36 -3.95
C LYS A 12 22.73 7.07 -3.40
N LEU A 13 21.79 6.49 -4.13
CA LEU A 13 21.15 5.24 -3.73
C LEU A 13 22.16 4.12 -3.55
N HIS A 14 23.12 4.03 -4.49
CA HIS A 14 24.15 3.02 -4.42
C HIS A 14 25.02 3.20 -3.19
N GLU A 15 25.51 4.42 -2.97
CA GLU A 15 26.24 4.77 -1.74
C GLU A 15 25.52 4.28 -0.48
N ILE A 16 24.24 4.64 -0.34
CA ILE A 16 23.41 4.27 0.81
C ILE A 16 23.33 2.76 1.00
N LYS A 17 23.00 2.04 -0.06
CA LYS A 17 22.90 0.57 0.01
C LYS A 17 24.19 -0.08 0.47
N ASN A 18 25.31 0.45 -0.06
CA ASN A 18 26.65 -0.04 0.19
C ASN A 18 27.09 0.11 1.65
N LYS A 19 26.45 1.04 2.37
CA LYS A 19 26.66 1.25 3.82
C LYS A 19 26.05 0.16 4.67
N GLY A 20 25.09 -0.59 4.10
CA GLY A 20 24.43 -1.68 4.81
C GLY A 20 23.39 -1.20 5.80
N TYR A 21 23.31 -1.84 6.96
CA TYR A 21 22.25 -1.54 7.92
C TYR A 21 22.53 -0.24 8.69
N LEU A 22 21.65 0.72 8.49
CA LEU A 22 21.76 2.03 9.09
C LEU A 22 20.91 2.07 10.33
N SER A 23 21.41 2.79 11.33
CA SER A 23 20.76 2.87 12.62
C SER A 23 19.92 4.14 12.76
N VAL A 24 19.16 4.18 13.84
CA VAL A 24 18.40 5.36 14.20
C VAL A 24 19.23 6.15 15.19
N PRO A 25 19.71 7.34 14.79
CA PRO A 25 20.44 8.19 15.73
C PRO A 25 19.67 8.44 17.03
N THR A 26 20.39 8.52 18.14
CA THR A 26 19.77 8.73 19.45
C THR A 26 18.90 10.00 19.44
N ASP A 27 19.38 11.00 18.73
CA ASP A 27 18.71 12.28 18.57
C ASP A 27 17.42 12.19 17.74
N MET A 28 17.38 11.22 16.83
N MET A 28 17.37 11.22 16.83
CA MET A 28 16.22 11.01 15.96
CA MET A 28 16.22 11.01 15.96
C MET A 28 15.12 10.15 16.60
C MET A 28 15.12 10.10 16.53
N PHE A 29 15.51 9.12 17.34
CA PHE A 29 14.55 8.09 17.80
C PHE A 29 13.35 8.65 18.54
N ARG A 30 12.16 8.23 18.14
CA ARG A 30 10.94 8.65 18.83
C ARG A 30 9.78 7.65 18.71
N THR A 31 10.12 6.37 18.60
CA THR A 31 9.14 5.27 18.51
C THR A 31 8.17 5.53 17.39
N ASP A 32 8.73 5.65 16.19
CA ASP A 32 8.02 6.25 15.07
C ASP A 32 8.10 5.35 13.82
N ASP A 33 6.92 4.96 13.32
CA ASP A 33 6.82 4.23 12.06
C ASP A 33 7.59 4.90 10.92
N GLY A 34 7.56 6.23 10.88
CA GLY A 34 8.19 7.01 9.81
C GLY A 34 9.70 7.18 9.84
N VAL A 35 10.36 6.55 10.81
CA VAL A 35 11.82 6.69 10.97
C VAL A 35 12.57 6.19 9.73
N VAL A 36 12.02 5.18 9.05
CA VAL A 36 12.55 4.73 7.78
C VAL A 36 12.69 5.91 6.80
N GLY A 37 11.67 6.75 6.72
CA GLY A 37 11.70 7.93 5.86
C GLY A 37 12.61 9.04 6.40
N GLN A 38 12.68 9.16 7.71
CA GLN A 38 13.53 10.18 8.33
C GLN A 38 15.00 9.87 7.99
N ILE A 39 15.39 8.60 8.15
CA ILE A 39 16.72 8.12 7.82
C ILE A 39 17.04 8.29 6.36
N LEU A 40 16.14 7.84 5.48
CA LEU A 40 16.36 7.98 4.01
C LEU A 40 16.58 9.47 3.64
N GLU A 41 15.73 10.35 4.18
CA GLU A 41 15.89 11.79 4.00
C GLU A 41 17.27 12.30 4.45
N ARG A 42 17.69 11.92 5.65
CA ARG A 42 18.97 12.38 6.19
C ARG A 42 20.14 11.90 5.31
N GLN A 43 20.10 10.65 4.86
CA GLN A 43 21.09 10.14 3.90
C GLN A 43 21.18 11.01 2.65
N PHE A 44 20.05 11.60 2.24
CA PHE A 44 20.01 12.52 1.08
C PHE A 44 20.22 14.00 1.42
N GLY A 45 20.62 14.29 2.67
CA GLY A 45 20.84 15.68 3.12
C GLY A 45 19.55 16.50 3.28
N VAL A 46 18.42 15.80 3.32
CA VAL A 46 17.09 16.41 3.45
C VAL A 46 16.73 16.41 4.93
N GLN A 47 16.61 17.57 5.54
CA GLN A 47 16.27 17.62 6.96
C GLN A 47 14.75 17.45 7.15
N GLU A 48 14.35 17.24 8.41
CA GLU A 48 12.94 17.05 8.73
C GLU A 48 12.17 18.29 8.27
N ASN A 49 11.07 18.07 7.55
CA ASN A 49 10.36 19.20 6.98
C ASN A 49 8.86 18.94 6.86
N ASN A 50 8.14 20.04 6.72
CA ASN A 50 6.70 20.03 6.42
C ASN A 50 6.43 20.81 5.13
N ILE A 51 7.46 20.95 4.29
CA ILE A 51 7.30 21.61 2.99
C ILE A 51 6.53 20.69 2.06
N THR A 52 5.73 21.30 1.18
CA THR A 52 4.74 20.59 0.36
C THR A 52 5.43 19.95 -0.86
N LEU A 53 6.31 20.74 -1.49
CA LEU A 53 7.04 20.36 -2.73
C LEU A 53 7.81 19.07 -2.57
N GLY A 54 8.17 18.43 -3.69
CA GLY A 54 9.02 17.22 -3.69
C GLY A 54 10.38 17.53 -3.09
N ASP A 55 10.78 16.79 -2.07
CA ASP A 55 11.98 17.10 -1.25
C ASP A 55 13.33 16.95 -1.98
N LEU A 56 13.33 16.38 -3.18
CA LEU A 56 14.52 16.38 -4.05
C LEU A 56 14.31 17.30 -5.26
N GLY A 57 13.36 18.21 -5.15
CA GLY A 57 13.10 19.17 -6.21
C GLY A 57 12.34 18.59 -7.38
N GLU A 58 13.02 17.85 -8.25
CA GLU A 58 12.34 17.18 -9.36
C GLU A 58 11.67 15.88 -8.91
N PHE A 59 12.11 15.37 -7.76
CA PHE A 59 11.56 14.13 -7.25
C PHE A 59 11.16 14.24 -5.81
N GLU A 60 10.25 13.36 -5.42
CA GLU A 60 9.85 13.18 -4.03
C GLU A 60 10.31 11.80 -3.57
N LEU A 61 10.99 11.78 -2.44
CA LEU A 61 11.60 10.61 -1.88
C LEU A 61 10.60 9.94 -0.95
N LYS A 62 10.44 8.63 -1.11
CA LYS A 62 9.58 7.84 -0.24
C LYS A 62 10.33 6.55 0.17
N GLY A 63 10.29 6.30 1.48
CA GLY A 63 10.91 5.15 2.07
C GLY A 63 9.89 4.24 2.67
N MET A 64 10.10 2.94 2.47
N MET A 64 10.17 2.94 2.56
CA MET A 64 9.21 1.91 3.01
CA MET A 64 9.24 1.93 3.00
C MET A 64 9.99 0.68 3.43
C MET A 64 9.96 0.66 3.41
N ARG A 65 9.62 0.14 4.58
CA ARG A 65 10.14 -1.14 5.02
C ARG A 65 9.58 -2.24 4.09
N ASN A 66 10.47 -3.13 3.67
CA ASN A 66 10.09 -4.23 2.81
C ASN A 66 9.29 -5.34 3.52
N ARG A 67 8.09 -5.01 4.01
CA ARG A 67 7.23 -6.02 4.63
C ARG A 67 6.62 -6.97 3.60
N LYS A 68 6.38 -8.22 4.00
CA LYS A 68 5.80 -9.18 3.04
C LYS A 68 4.35 -8.73 2.69
N ALA A 69 3.62 -8.28 3.70
CA ALA A 69 2.34 -7.65 3.50
C ALA A 69 2.48 -6.16 3.83
N LYS A 70 2.61 -5.33 2.81
CA LYS A 70 2.88 -3.92 3.02
C LYS A 70 1.65 -3.08 3.31
N SER A 71 1.83 -2.14 4.23
CA SER A 71 0.96 -0.99 4.40
C SER A 71 0.89 -0.20 3.09
N ASN A 72 -0.13 0.63 2.96
CA ASN A 72 -0.23 1.47 1.78
C ASN A 72 0.85 2.54 1.80
N LEU A 73 1.18 3.06 0.63
CA LEU A 73 2.12 4.16 0.54
C LEU A 73 1.36 5.46 0.77
N THR A 74 1.82 6.24 1.74
CA THR A 74 1.27 7.56 1.96
C THR A 74 1.93 8.52 0.98
N LEU A 75 1.11 9.06 0.08
CA LEU A 75 1.58 9.94 -0.96
C LEU A 75 1.77 11.37 -0.44
N PHE A 76 0.72 11.91 0.17
CA PHE A 76 0.79 13.21 0.82
C PHE A 76 -0.46 13.41 1.69
N HIS A 77 -0.50 14.53 2.40
CA HIS A 77 -1.63 14.89 3.22
C HIS A 77 -2.32 16.17 2.68
N LYS A 78 -3.64 16.27 2.87
CA LYS A 78 -4.37 17.46 2.48
C LYS A 78 -5.69 17.57 3.22
N LYS A 79 -5.96 18.74 3.82
CA LYS A 79 -7.27 19.02 4.43
C LYS A 79 -8.35 19.20 3.33
N PRO A 80 -9.65 19.00 3.68
CA PRO A 80 -10.70 19.40 2.73
C PRO A 80 -10.72 20.92 2.49
N VAL A 81 -10.99 21.32 1.26
CA VAL A 81 -11.17 22.74 0.92
C VAL A 81 -12.58 23.22 1.31
N ALA A 82 -13.52 22.29 1.51
CA ALA A 82 -14.91 22.69 1.76
C ALA A 82 -15.68 21.68 2.56
N GLY A 83 -16.72 22.15 3.25
CA GLY A 83 -17.64 21.28 3.98
C GLY A 83 -17.15 21.10 5.39
N GLN A 84 -17.41 19.93 5.97
CA GLN A 84 -17.03 19.63 7.35
C GLN A 84 -15.53 19.62 7.51
N THR A 85 -15.03 20.20 8.61
CA THR A 85 -13.60 20.11 8.89
C THR A 85 -13.25 18.68 9.32
N VAL A 86 -11.97 18.31 9.24
CA VAL A 86 -11.56 16.97 9.71
C VAL A 86 -11.91 16.75 11.22
N ILE A 87 -11.69 17.77 12.05
CA ILE A 87 -12.05 17.67 13.49
C ILE A 87 -13.56 17.47 13.69
N GLN A 88 -14.36 18.15 12.88
CA GLN A 88 -15.82 17.92 12.90
C GLN A 88 -16.12 16.47 12.54
N ILE A 89 -15.39 15.92 11.58
CA ILE A 89 -15.58 14.51 11.18
C ILE A 89 -15.17 13.58 12.33
N PHE A 90 -14.02 13.86 12.94
CA PHE A 90 -13.55 13.18 14.16
C PHE A 90 -14.54 13.22 15.33
N ASN A 91 -15.03 14.41 15.66
CA ASN A 91 -16.05 14.60 16.72
C ASN A 91 -17.25 13.68 16.52
N ARG A 92 -17.69 13.59 15.28
CA ARG A 92 -18.88 12.81 14.92
C ARG A 92 -18.61 11.32 14.79
N PHE A 93 -17.58 10.96 14.03
CA PHE A 93 -17.34 9.56 13.67
C PHE A 93 -16.27 8.83 14.51
N GLY A 94 -15.53 9.59 15.31
CA GLY A 94 -14.53 9.05 16.22
C GLY A 94 -15.15 8.21 17.32
N TYR A 95 -14.30 7.40 17.93
CA TYR A 95 -14.73 6.38 18.87
C TYR A 95 -13.70 6.24 19.99
N VAL A 96 -14.17 5.79 21.14
CA VAL A 96 -13.33 5.78 22.33
C VAL A 96 -12.80 4.40 22.54
N LYS A 97 -11.49 4.32 22.63
CA LYS A 97 -10.83 3.04 22.54
C LYS A 97 -9.43 3.20 23.09
N PRO A 98 -8.92 2.18 23.81
CA PRO A 98 -7.57 2.24 24.31
C PRO A 98 -6.54 2.43 23.23
N SER A 99 -5.50 3.20 23.55
CA SER A 99 -4.28 3.24 22.74
C SER A 99 -3.82 1.83 22.39
N SER A 100 -3.43 1.62 21.14
CA SER A 100 -2.98 0.30 20.67
C SER A 100 -1.53 -0.01 21.08
N ARG A 101 -0.80 1.01 21.48
CA ARG A 101 0.55 0.90 22.03
C ARG A 101 0.58 0.80 23.57
N ASN A 102 -0.25 1.58 24.26
CA ASN A 102 -0.37 1.52 25.69
C ASN A 102 -1.84 1.39 26.08
N PRO A 103 -2.30 0.15 26.38
CA PRO A 103 -3.73 -0.15 26.64
C PRO A 103 -4.27 0.55 27.92
N GLU A 104 -3.36 1.06 28.75
CA GLU A 104 -3.71 1.81 29.96
C GLU A 104 -4.04 3.31 29.66
N VAL A 105 -4.02 3.67 28.38
CA VAL A 105 -4.29 5.03 27.99
C VAL A 105 -5.50 5.04 27.09
N MET A 106 -6.56 5.71 27.52
CA MET A 106 -7.78 5.81 26.69
C MET A 106 -7.72 7.01 25.77
N LYS A 107 -8.04 6.73 24.52
CA LYS A 107 -8.00 7.66 23.43
C LYS A 107 -9.40 7.79 22.88
N LYS A 108 -9.66 8.89 22.19
CA LYS A 108 -10.71 8.92 21.19
C LYS A 108 -9.95 8.95 19.88
N LYS A 109 -10.40 8.18 18.90
CA LYS A 109 -9.65 7.96 17.66
C LYS A 109 -10.61 8.01 16.47
N LEU A 110 -10.10 8.48 15.34
CA LEU A 110 -10.67 8.12 14.06
C LEU A 110 -9.49 7.76 13.14
N PHE A 111 -9.40 6.45 12.93
CA PHE A 111 -8.46 5.80 12.04
C PHE A 111 -9.28 4.95 11.08
N THR A 112 -9.50 5.52 9.91
CA THR A 112 -10.38 4.92 8.93
C THR A 112 -9.87 5.19 7.52
N THR A 113 -10.07 4.20 6.66
CA THR A 113 -9.72 4.30 5.26
C THR A 113 -11.01 4.44 4.45
N ILE A 114 -11.07 5.48 3.63
CA ILE A 114 -12.29 5.77 2.84
C ILE A 114 -11.98 5.55 1.39
N LYS A 115 -12.86 4.83 0.72
CA LYS A 115 -12.66 4.45 -0.68
C LYS A 115 -13.88 4.85 -1.50
N GLY A 116 -13.63 5.18 -2.77
CA GLY A 116 -14.69 5.26 -3.75
C GLY A 116 -15.19 3.87 -4.11
N GLY A 117 -16.43 3.80 -4.57
CA GLY A 117 -17.00 2.56 -5.08
C GLY A 117 -17.71 1.74 -4.00
N ARG A 118 -17.53 2.10 -2.74
CA ARG A 118 -18.20 1.41 -1.65
C ARG A 118 -18.23 2.26 -0.38
N LEU A 119 -19.12 1.91 0.53
CA LEU A 119 -19.12 2.45 1.87
C LEU A 119 -18.25 1.57 2.73
N ASN A 120 -17.46 2.20 3.60
CA ASN A 120 -16.74 1.45 4.63
C ASN A 120 -17.66 1.15 5.84
N ASN A 121 -17.14 0.46 6.84
CA ASN A 121 -17.92 0.05 8.01
C ASN A 121 -18.46 1.21 8.83
N LEU A 122 -17.83 2.37 8.71
CA LEU A 122 -18.36 3.60 9.32
C LEU A 122 -19.39 4.31 8.43
N GLY A 123 -19.64 3.75 7.24
CA GLY A 123 -20.61 4.32 6.30
C GLY A 123 -20.03 5.40 5.40
N LEU A 124 -18.71 5.56 5.39
CA LEU A 124 -18.04 6.65 4.66
C LEU A 124 -17.60 6.21 3.27
N THR A 125 -17.75 7.10 2.29
CA THR A 125 -17.32 6.83 0.91
C THR A 125 -16.87 8.09 0.22
N LEU A 126 -16.12 7.91 -0.85
CA LEU A 126 -15.65 9.01 -1.68
C LEU A 126 -16.35 8.97 -3.05
N ASN A 127 -16.63 10.14 -3.62
CA ASN A 127 -17.00 10.22 -5.03
C ASN A 127 -16.29 11.39 -5.67
N ALA A 128 -15.48 11.08 -6.68
CA ALA A 128 -14.70 12.08 -7.37
C ALA A 128 -15.39 12.48 -8.66
N LYS A 129 -15.63 13.78 -8.81
CA LYS A 129 -16.04 14.30 -10.09
C LYS A 129 -14.80 14.62 -10.92
N HIS A 130 -13.86 15.34 -10.31
CA HIS A 130 -12.50 15.51 -10.87
C HIS A 130 -11.50 15.45 -9.71
N ALA A 131 -10.20 15.59 -10.01
CA ALA A 131 -9.16 15.60 -8.96
C ALA A 131 -9.36 16.81 -8.08
N SER A 132 -9.84 17.87 -8.72
CA SER A 132 -10.16 19.12 -8.04
C SER A 132 -11.43 19.06 -7.20
N GLU A 133 -12.25 18.01 -7.36
CA GLU A 133 -13.46 17.82 -6.56
C GLU A 133 -13.65 16.34 -6.16
N ILE A 134 -13.13 15.98 -4.99
CA ILE A 134 -13.36 14.64 -4.41
C ILE A 134 -14.22 14.86 -3.20
N ASN A 135 -15.41 14.25 -3.24
CA ASN A 135 -16.42 14.46 -2.22
C ASN A 135 -16.49 13.29 -1.24
N LEU A 136 -16.61 13.62 0.04
CA LEU A 136 -16.80 12.66 1.11
C LEU A 136 -18.25 12.67 1.55
N TYR A 137 -18.82 11.46 1.56
CA TYR A 137 -20.18 11.20 2.01
C TYR A 137 -20.21 10.22 3.17
N TYR A 138 -21.14 10.49 4.07
CA TYR A 138 -21.67 9.48 4.99
C TYR A 138 -23.00 8.97 4.41
N GLN A 139 -22.97 7.76 3.86
CA GLN A 139 -24.11 7.21 3.13
C GLN A 139 -24.40 8.16 1.96
N ASP A 140 -25.59 8.75 1.93
CA ASP A 140 -25.91 9.76 0.90
C ASP A 140 -25.76 11.19 1.39
N GLU A 141 -25.28 11.38 2.63
CA GLU A 141 -25.05 12.70 3.21
C GLU A 141 -23.68 13.25 2.82
N TYR A 142 -23.69 14.38 2.11
CA TYR A 142 -22.45 15.08 1.79
C TYR A 142 -21.79 15.56 3.08
N LEU A 143 -20.47 15.40 3.18
CA LEU A 143 -19.70 15.91 4.29
C LEU A 143 -18.71 17.01 3.90
N SER A 144 -17.75 16.68 3.05
CA SER A 144 -16.62 17.56 2.75
C SER A 144 -16.10 17.34 1.34
N THR A 145 -15.32 18.29 0.86
CA THR A 145 -14.68 18.21 -0.45
C THR A 145 -13.17 18.46 -0.37
N TRP A 146 -12.44 17.59 -1.06
CA TRP A 146 -11.02 17.76 -1.32
C TRP A 146 -10.73 18.19 -2.75
N ASP A 147 -9.79 19.11 -2.87
CA ASP A 147 -9.21 19.52 -4.14
C ASP A 147 -7.73 19.21 -4.01
N LEU A 148 -7.28 18.14 -4.65
CA LEU A 148 -5.92 17.66 -4.49
C LEU A 148 -4.95 18.12 -5.57
N ASN A 149 -3.83 18.68 -5.12
CA ASN A 149 -2.71 18.97 -6.02
C ASN A 149 -1.71 17.84 -5.85
N LEU A 150 -1.25 17.30 -6.97
CA LEU A 150 -0.41 16.11 -6.95
C LEU A 150 1.03 16.44 -7.44
N SER A 151 1.40 17.73 -7.38
CA SER A 151 2.65 18.19 -7.97
C SER A 151 3.84 17.65 -7.19
N LYS A 152 3.64 17.51 -5.89
CA LYS A 152 4.64 16.88 -5.05
C LYS A 152 4.94 15.43 -5.47
N ILE A 153 3.96 14.73 -6.03
CA ILE A 153 4.16 13.27 -6.38
C ILE A 153 4.25 12.97 -7.89
N GLU A 154 4.51 14.00 -8.68
CA GLU A 154 4.70 13.82 -10.12
C GLU A 154 5.80 12.82 -10.45
N LYS A 155 6.86 12.84 -9.65
CA LYS A 155 8.00 11.92 -9.78
C LYS A 155 8.40 11.46 -8.39
N LEU A 156 8.27 10.16 -8.13
CA LEU A 156 8.66 9.57 -6.87
C LEU A 156 9.90 8.72 -7.00
N VAL A 157 10.76 8.79 -6.00
CA VAL A 157 11.85 7.83 -5.84
C VAL A 157 11.45 7.01 -4.61
N LEU A 158 11.01 5.80 -4.88
CA LEU A 158 10.53 4.88 -3.85
C LEU A 158 11.65 3.90 -3.51
N VAL A 159 11.97 3.80 -2.22
CA VAL A 159 13.12 3.03 -1.76
C VAL A 159 12.65 2.05 -0.69
N PHE A 160 13.02 0.79 -0.87
CA PHE A 160 12.62 -0.24 0.07
C PHE A 160 13.77 -0.68 0.95
N ALA A 161 13.47 -0.87 2.24
CA ALA A 161 14.49 -1.21 3.21
C ALA A 161 14.20 -2.54 3.87
N GLU A 162 15.21 -3.41 3.89
CA GLU A 162 15.21 -4.58 4.79
C GLU A 162 15.51 -4.10 6.21
N THR A 163 14.96 -4.81 7.19
CA THR A 163 15.16 -4.44 8.57
C THR A 163 15.72 -5.55 9.43
N ILE A 164 16.41 -5.13 10.47
CA ILE A 164 16.64 -5.96 11.65
C ILE A 164 16.22 -5.13 12.88
N GLY A 165 15.96 -5.85 13.97
CA GLY A 165 15.50 -5.23 15.18
C GLY A 165 14.00 -5.13 15.21
N ARG A 166 13.48 -4.94 16.42
CA ARG A 166 12.04 -4.87 16.63
C ARG A 166 11.56 -3.54 16.05
N ALA A 167 10.37 -3.56 15.48
CA ALA A 167 9.77 -2.37 14.86
C ALA A 167 9.64 -1.24 15.87
N ASN A 168 10.11 -0.05 15.49
CA ASN A 168 9.99 1.17 16.36
C ASN A 168 10.81 1.11 17.66
N SER A 169 11.78 0.18 17.72
CA SER A 169 12.69 0.09 18.86
C SER A 169 13.89 1.00 18.57
N PRO A 170 14.65 1.35 19.61
CA PRO A 170 15.87 2.13 19.38
C PRO A 170 16.91 1.42 18.50
N GLU A 171 16.88 0.10 18.51
CA GLU A 171 17.86 -0.73 17.86
C GLU A 171 17.45 -1.11 16.42
N GLU A 172 16.33 -0.59 15.96
CA GLU A 172 15.91 -0.92 14.58
C GLU A 172 16.92 -0.40 13.56
N GLN A 173 17.21 -1.24 12.57
CA GLN A 173 18.14 -0.88 11.50
C GLN A 173 17.58 -1.17 10.12
N PHE A 174 18.07 -0.44 9.13
CA PHE A 174 17.48 -0.36 7.80
C PHE A 174 18.54 -0.43 6.73
N HIS A 175 18.42 -1.40 5.83
CA HIS A 175 19.31 -1.53 4.69
C HIS A 175 18.46 -1.28 3.42
N PHE A 176 18.74 -0.17 2.74
CA PHE A 176 17.98 0.24 1.58
C PHE A 176 18.59 -0.45 0.36
N THR A 177 17.83 -1.38 -0.20
CA THR A 177 18.38 -2.34 -1.15
C THR A 177 17.77 -2.25 -2.54
N LYS A 178 16.62 -1.58 -2.62
CA LYS A 178 15.83 -1.51 -3.85
C LYS A 178 15.16 -0.16 -3.97
N ALA A 179 15.16 0.39 -5.19
CA ALA A 179 14.50 1.69 -5.40
C ALA A 179 13.98 1.77 -6.80
N TYR A 180 12.88 2.50 -6.91
CA TYR A 180 12.21 2.74 -8.18
C TYR A 180 11.95 4.21 -8.39
N MET A 181 11.95 4.60 -9.66
N MET A 181 11.99 4.63 -9.65
CA MET A 181 11.53 5.93 -10.08
CA MET A 181 11.50 5.94 -10.02
C MET A 181 10.19 5.77 -10.78
C MET A 181 10.19 5.77 -10.75
N LEU A 182 9.19 6.50 -10.30
CA LEU A 182 7.86 6.44 -10.86
C LEU A 182 7.51 7.81 -11.38
N THR A 183 7.10 7.84 -12.64
CA THR A 183 6.80 9.08 -13.31
C THR A 183 5.62 8.86 -14.28
N GLU A 184 5.17 9.95 -14.91
CA GLU A 184 4.07 9.90 -15.88
C GLU A 184 2.76 9.51 -15.21
N ILE A 185 2.41 10.35 -14.25
CA ILE A 185 1.29 10.17 -13.37
C ILE A 185 0.00 10.26 -14.19
N ASN A 186 -0.96 9.39 -13.88
CA ASN A 186 -2.28 9.39 -14.49
C ASN A 186 -3.22 10.31 -13.72
N ASP A 187 -4.33 10.69 -14.36
CA ASP A 187 -5.42 11.37 -13.65
C ASP A 187 -5.97 10.47 -12.55
N ILE A 188 -6.24 11.03 -11.38
CA ILE A 188 -6.68 10.24 -10.22
C ILE A 188 -8.20 10.03 -10.06
N THR A 189 -9.03 10.74 -10.83
CA THR A 189 -10.51 10.66 -10.71
C THR A 189 -11.02 9.21 -10.73
N SER A 190 -10.68 8.49 -11.80
CA SER A 190 -11.10 7.08 -11.96
C SER A 190 -10.53 6.19 -10.84
N LEU A 191 -9.27 6.43 -10.51
CA LEU A 191 -8.58 5.77 -9.44
C LEU A 191 -9.26 5.94 -8.10
N ILE A 192 -9.82 7.13 -7.82
CA ILE A 192 -10.63 7.29 -6.62
C ILE A 192 -11.88 6.43 -6.72
N ASN A 193 -12.62 6.61 -7.81
CA ASN A 193 -13.92 5.95 -7.98
C ASN A 193 -13.84 4.42 -8.12
N ASP A 194 -12.70 3.92 -8.58
CA ASP A 194 -12.49 2.47 -8.65
C ASP A 194 -11.91 1.84 -7.37
N GLY A 195 -11.68 2.65 -6.35
CA GLY A 195 -11.23 2.12 -5.05
C GLY A 195 -9.73 1.86 -4.92
N VAL A 196 -8.94 2.42 -5.85
CA VAL A 196 -7.48 2.17 -5.92
C VAL A 196 -6.71 3.09 -5.00
N LEU A 197 -6.91 4.40 -5.21
CA LEU A 197 -6.43 5.46 -4.34
C LEU A 197 -7.43 5.63 -3.21
N VAL A 198 -6.93 5.78 -1.98
CA VAL A 198 -7.80 5.84 -0.83
C VAL A 198 -7.38 7.02 0.00
N MET A 199 -8.27 7.41 0.88
N MET A 199 -8.28 7.43 0.89
CA MET A 199 -7.99 8.44 1.85
CA MET A 199 -8.01 8.52 1.84
C MET A 199 -8.04 7.84 3.24
C MET A 199 -8.10 8.01 3.27
N ASP A 200 -7.01 8.09 4.03
CA ASP A 200 -7.02 7.70 5.43
C ASP A 200 -7.24 8.93 6.28
N LEU A 201 -8.17 8.82 7.22
CA LEU A 201 -8.24 9.77 8.32
C LEU A 201 -7.51 9.17 9.52
N CYS A 202 -6.66 9.99 10.14
CA CYS A 202 -5.79 9.58 11.25
C CYS A 202 -5.74 10.65 12.38
N ILE A 203 -6.69 10.60 13.29
CA ILE A 203 -6.90 11.66 14.26
C ILE A 203 -7.07 10.95 15.58
N ASP A 204 -6.44 11.46 16.63
CA ASP A 204 -6.67 10.86 17.95
C ASP A 204 -6.33 11.87 19.04
N GLN A 205 -6.62 11.48 20.27
CA GLN A 205 -6.63 12.40 21.34
C GLN A 205 -6.52 11.57 22.60
N ASP A 206 -5.61 11.95 23.47
CA ASP A 206 -5.44 11.34 24.80
C ASP A 206 -6.44 12.01 25.75
N LEU A 207 -7.47 11.24 26.10
CA LEU A 207 -8.62 11.76 26.82
C LEU A 207 -8.36 12.02 28.32
N SER A 208 -7.20 11.62 28.81
CA SER A 208 -6.77 12.04 30.14
C SER A 208 -6.13 13.43 30.10
N LYS A 209 -5.71 13.87 28.90
CA LYS A 209 -5.08 15.19 28.76
C LYS A 209 -6.03 16.25 28.20
N SER A 210 -5.65 17.50 28.41
CA SER A 210 -6.40 18.66 27.92
C SER A 210 -5.60 19.29 26.77
N LYS A 211 -5.33 18.43 25.80
CA LYS A 211 -4.89 18.82 24.47
C LYS A 211 -6.09 18.56 23.59
N GLY A 212 -6.17 19.27 22.46
CA GLY A 212 -7.15 18.96 21.42
C GLY A 212 -6.69 17.73 20.64
N PRO A 213 -7.52 17.25 19.73
CA PRO A 213 -7.09 16.08 18.97
C PRO A 213 -5.92 16.38 18.04
N HIS A 214 -5.20 15.34 17.66
CA HIS A 214 -4.08 15.46 16.74
C HIS A 214 -4.54 14.93 15.40
N ASP A 215 -4.86 15.84 14.49
CA ASP A 215 -5.14 15.49 13.08
C ASP A 215 -3.83 15.48 12.29
N ARG A 216 -3.48 14.30 11.82
CA ARG A 216 -2.24 14.10 11.06
C ARG A 216 -2.42 14.45 9.58
N GLY A 217 -3.63 14.88 9.21
CA GLY A 217 -3.90 15.34 7.86
C GLY A 217 -4.45 14.20 7.07
N PRO A 218 -5.61 14.37 6.39
CA PRO A 218 -6.07 13.26 5.57
C PRO A 218 -5.00 12.81 4.58
N HIS A 219 -4.69 11.51 4.61
CA HIS A 219 -3.63 10.88 3.80
C HIS A 219 -4.22 10.41 2.47
N LEU A 220 -3.66 10.78 1.33
CA LEU A 220 -3.96 10.08 0.08
C LEU A 220 -2.98 8.91 0.03
N ARG A 221 -3.49 7.70 -0.15
CA ARG A 221 -2.67 6.51 -0.10
C ARG A 221 -2.95 5.60 -1.29
N ILE A 222 -1.96 4.77 -1.63
CA ILE A 222 -2.08 3.79 -2.67
C ILE A 222 -1.32 2.52 -2.26
N PRO A 223 -1.93 1.31 -2.45
CA PRO A 223 -1.17 0.09 -2.29
C PRO A 223 -0.03 0.04 -3.31
N ILE A 224 1.13 -0.47 -2.86
CA ILE A 224 2.33 -0.58 -3.69
C ILE A 224 2.04 -1.39 -4.96
N SER A 225 1.21 -2.41 -4.83
CA SER A 225 0.87 -3.33 -5.94
C SER A 225 0.00 -2.69 -7.06
N LYS A 226 -0.55 -1.51 -6.79
N LYS A 226 -0.56 -1.51 -6.79
CA LYS A 226 -1.36 -0.77 -7.74
CA LYS A 226 -1.36 -0.76 -7.75
C LYS A 226 -0.65 0.52 -8.22
C LYS A 226 -0.63 0.48 -8.29
N LEU A 227 0.62 0.70 -7.88
CA LEU A 227 1.37 1.92 -8.31
C LEU A 227 1.40 2.06 -9.82
N ASP A 228 1.42 0.92 -10.53
CA ASP A 228 1.33 0.91 -11.99
C ASP A 228 0.00 1.50 -12.59
N LYS A 229 -1.03 1.62 -11.77
CA LYS A 229 -2.29 2.29 -12.15
C LYS A 229 -2.20 3.80 -11.97
N LEU A 230 -1.29 4.25 -11.11
CA LEU A 230 -1.06 5.68 -10.90
C LEU A 230 0.03 6.22 -11.82
N TYR A 231 1.06 5.41 -12.08
CA TYR A 231 2.21 5.85 -12.87
C TYR A 231 2.36 4.94 -14.08
N ARG A 232 2.55 5.55 -15.25
CA ARG A 232 2.72 4.77 -16.49
C ARG A 232 4.19 4.36 -16.72
N ASN A 233 5.15 5.05 -16.09
CA ASN A 233 6.58 4.70 -16.19
C ASN A 233 7.20 4.34 -14.85
N ILE A 234 7.69 3.11 -14.72
CA ILE A 234 8.36 2.68 -13.49
C ILE A 234 9.77 2.21 -13.87
N GLU A 235 10.77 2.80 -13.23
CA GLU A 235 12.15 2.46 -13.51
C GLU A 235 12.85 1.95 -12.25
N ARG A 236 13.48 0.80 -12.37
CA ARG A 236 14.34 0.22 -11.32
C ARG A 236 15.68 0.97 -11.27
N LEU A 237 15.88 1.72 -10.19
CA LEU A 237 17.12 2.53 -10.03
C LEU A 237 18.19 1.81 -9.22
N LEU A 238 17.77 0.93 -8.33
CA LEU A 238 18.64 0.26 -7.39
C LEU A 238 18.16 -1.16 -7.18
N MET B 1 12.77 -1.61 -42.83
CA MET B 1 12.55 -0.53 -43.84
C MET B 1 12.18 0.78 -43.17
N LYS B 2 10.97 0.87 -42.60
CA LYS B 2 10.57 2.07 -41.86
C LYS B 2 11.05 2.00 -40.42
N ILE B 3 11.77 3.04 -40.00
CA ILE B 3 12.23 3.18 -38.62
C ILE B 3 11.22 4.03 -37.88
N TRP B 4 10.63 3.47 -36.82
CA TRP B 4 9.53 4.10 -36.11
C TRP B 4 10.00 4.95 -34.96
N SER B 5 9.38 6.11 -34.80
CA SER B 5 9.51 6.90 -33.58
C SER B 5 8.55 6.34 -32.54
N LYS B 6 8.84 6.59 -31.28
CA LYS B 6 7.96 6.21 -30.20
C LYS B 6 6.59 6.88 -30.31
N GLU B 7 6.60 8.16 -30.66
CA GLU B 7 5.37 8.92 -30.92
C GLU B 7 4.51 8.20 -31.99
N GLU B 8 5.13 7.82 -33.10
CA GLU B 8 4.46 7.07 -34.18
C GLU B 8 3.91 5.74 -33.68
N VAL B 9 4.69 5.06 -32.82
CA VAL B 9 4.27 3.76 -32.27
C VAL B 9 3.03 3.88 -31.41
N VAL B 10 3.05 4.89 -30.54
CA VAL B 10 1.95 5.16 -29.62
C VAL B 10 0.69 5.48 -30.39
N ASN B 11 0.82 6.32 -31.42
CA ASN B 11 -0.34 6.65 -32.26
C ASN B 11 -0.89 5.40 -32.95
N LYS B 12 -0.01 4.56 -33.49
CA LYS B 12 -0.45 3.33 -34.14
C LYS B 12 -1.11 2.39 -33.14
N LEU B 13 -0.51 2.20 -31.97
CA LEU B 13 -1.14 1.35 -30.92
C LEU B 13 -2.58 1.77 -30.64
N HIS B 14 -2.79 3.09 -30.53
CA HIS B 14 -4.13 3.62 -30.30
C HIS B 14 -5.04 3.35 -31.48
N GLU B 15 -4.52 3.55 -32.68
CA GLU B 15 -5.24 3.16 -33.89
C GLU B 15 -5.72 1.71 -33.79
N ILE B 16 -4.80 0.81 -33.53
CA ILE B 16 -5.09 -0.62 -33.58
C ILE B 16 -6.15 -0.97 -32.52
N LYS B 17 -6.02 -0.39 -31.33
CA LYS B 17 -7.01 -0.63 -30.29
C LYS B 17 -8.37 -0.09 -30.72
N ASN B 18 -8.36 1.11 -31.30
CA ASN B 18 -9.58 1.76 -31.79
C ASN B 18 -10.26 0.96 -32.91
N LYS B 19 -9.52 0.11 -33.59
CA LYS B 19 -10.09 -0.77 -34.61
C LYS B 19 -10.91 -1.94 -34.06
N GLY B 20 -10.76 -2.25 -32.77
CA GLY B 20 -11.51 -3.36 -32.15
C GLY B 20 -10.95 -4.71 -32.57
N TYR B 21 -11.83 -5.72 -32.56
CA TYR B 21 -11.42 -7.08 -32.87
C TYR B 21 -11.10 -7.27 -34.34
N LEU B 22 -9.89 -7.73 -34.58
CA LEU B 22 -9.33 -7.95 -35.90
C LEU B 22 -9.39 -9.41 -36.29
N SER B 23 -9.80 -9.67 -37.52
CA SER B 23 -9.95 -11.02 -38.01
C SER B 23 -8.66 -11.49 -38.66
N VAL B 24 -8.51 -12.79 -38.81
CA VAL B 24 -7.38 -13.35 -39.54
C VAL B 24 -7.72 -13.40 -41.03
N PRO B 25 -6.98 -12.66 -41.88
CA PRO B 25 -7.26 -12.75 -43.30
C PRO B 25 -7.15 -14.19 -43.78
N THR B 26 -7.93 -14.54 -44.78
CA THR B 26 -7.97 -15.92 -45.26
C THR B 26 -6.64 -16.26 -45.94
N ASP B 27 -5.95 -15.26 -46.47
CA ASP B 27 -4.62 -15.45 -47.08
C ASP B 27 -3.50 -15.73 -46.04
N MET B 28 -3.76 -15.33 -44.79
N MET B 28 -3.75 -15.36 -44.79
CA MET B 28 -2.81 -15.47 -43.67
CA MET B 28 -2.76 -15.55 -43.72
C MET B 28 -3.00 -16.79 -42.91
C MET B 28 -2.99 -16.81 -42.89
N PHE B 29 -4.23 -17.28 -42.82
CA PHE B 29 -4.56 -18.40 -41.92
C PHE B 29 -3.82 -19.69 -42.20
N ARG B 30 -3.21 -20.24 -41.15
CA ARG B 30 -2.45 -21.48 -41.26
C ARG B 30 -2.36 -22.26 -39.95
N THR B 31 -3.43 -22.22 -39.17
CA THR B 31 -3.53 -22.93 -37.89
C THR B 31 -2.26 -22.69 -37.08
N ASP B 32 -2.06 -21.45 -36.66
CA ASP B 32 -0.76 -20.99 -36.16
C ASP B 32 -0.89 -20.14 -34.88
N ASP B 33 -0.27 -20.61 -33.80
CA ASP B 33 -0.13 -19.86 -32.53
C ASP B 33 0.39 -18.45 -32.77
N GLY B 34 1.35 -18.32 -33.68
CA GLY B 34 1.96 -17.02 -34.00
C GLY B 34 1.09 -15.99 -34.68
N VAL B 35 -0.15 -16.34 -35.01
CA VAL B 35 -0.99 -15.47 -35.83
C VAL B 35 -1.23 -14.12 -35.14
N VAL B 36 -1.26 -14.10 -33.81
CA VAL B 36 -1.37 -12.85 -33.05
C VAL B 36 -0.24 -11.86 -33.48
N GLY B 37 0.96 -12.38 -33.62
CA GLY B 37 2.12 -11.61 -34.01
C GLY B 37 2.10 -11.19 -35.45
N GLN B 38 1.70 -12.11 -36.33
CA GLN B 38 1.57 -11.81 -37.77
C GLN B 38 0.58 -10.66 -37.99
N ILE B 39 -0.56 -10.72 -37.32
CA ILE B 39 -1.55 -9.64 -37.40
C ILE B 39 -1.03 -8.33 -36.84
N LEU B 40 -0.41 -8.36 -35.64
CA LEU B 40 0.20 -7.17 -35.08
C LEU B 40 1.19 -6.54 -36.05
N GLU B 41 2.07 -7.37 -36.60
CA GLU B 41 3.03 -6.92 -37.59
C GLU B 41 2.36 -6.25 -38.82
N ARG B 42 1.35 -6.91 -39.39
CA ARG B 42 0.64 -6.38 -40.57
C ARG B 42 0.00 -5.02 -40.29
N GLN B 43 -0.60 -4.87 -39.11
CA GLN B 43 -1.13 -3.58 -38.67
C GLN B 43 -0.09 -2.48 -38.70
N PHE B 44 1.14 -2.80 -38.30
CA PHE B 44 2.24 -1.81 -38.31
C PHE B 44 2.91 -1.62 -39.70
N GLY B 45 2.57 -2.45 -40.68
CA GLY B 45 3.16 -2.38 -42.01
C GLY B 45 4.48 -3.14 -42.16
N VAL B 46 4.73 -4.07 -41.24
CA VAL B 46 5.89 -4.96 -41.26
C VAL B 46 5.48 -6.28 -41.87
N GLN B 47 6.17 -6.67 -42.93
CA GLN B 47 5.88 -7.95 -43.60
C GLN B 47 6.55 -9.10 -42.84
N GLU B 48 6.05 -10.31 -43.08
CA GLU B 48 6.68 -11.52 -42.52
C GLU B 48 8.13 -11.62 -42.97
N ASN B 49 9.03 -11.79 -42.00
CA ASN B 49 10.48 -11.81 -42.24
C ASN B 49 11.16 -12.72 -41.20
N ASN B 50 12.46 -12.98 -41.42
CA ASN B 50 13.29 -13.79 -40.54
C ASN B 50 14.59 -13.05 -40.19
N ILE B 51 14.49 -11.72 -40.12
CA ILE B 51 15.65 -10.89 -39.86
C ILE B 51 15.65 -10.57 -38.35
N THR B 52 16.85 -10.37 -37.80
CA THR B 52 17.08 -10.39 -36.34
C THR B 52 17.03 -8.99 -35.68
N LEU B 53 17.23 -7.95 -36.49
CA LEU B 53 17.24 -6.58 -35.94
C LEU B 53 15.78 -6.19 -35.71
N GLY B 54 15.51 -5.26 -34.79
CA GLY B 54 14.11 -4.95 -34.41
C GLY B 54 13.23 -4.59 -35.60
N ASP B 55 11.98 -5.07 -35.64
CA ASP B 55 11.14 -4.93 -36.85
C ASP B 55 10.52 -3.52 -37.06
N LEU B 56 10.62 -2.68 -36.04
CA LEU B 56 10.27 -1.26 -36.14
C LEU B 56 11.53 -0.41 -36.16
N GLY B 57 12.67 -1.04 -36.40
CA GLY B 57 13.94 -0.32 -36.47
C GLY B 57 14.54 0.01 -35.12
N GLU B 58 13.88 0.87 -34.36
CA GLU B 58 14.32 1.25 -33.01
C GLU B 58 13.78 0.28 -31.97
N PHE B 59 12.64 -0.34 -32.29
CA PHE B 59 11.93 -1.21 -31.36
C PHE B 59 11.68 -2.58 -32.01
N GLU B 60 11.45 -3.56 -31.17
CA GLU B 60 10.94 -4.88 -31.55
C GLU B 60 9.51 -5.09 -31.05
N LEU B 61 8.61 -5.33 -31.99
CA LEU B 61 7.21 -5.65 -31.71
C LEU B 61 7.09 -7.07 -31.19
N LYS B 62 6.41 -7.27 -30.07
CA LYS B 62 5.98 -8.59 -29.62
C LYS B 62 4.48 -8.55 -29.26
N GLY B 63 3.74 -9.54 -29.73
CA GLY B 63 2.32 -9.66 -29.46
C GLY B 63 2.04 -10.93 -28.69
N MET B 64 1.09 -10.86 -27.76
N MET B 64 1.04 -10.88 -27.81
CA MET B 64 0.65 -12.06 -27.04
CA MET B 64 0.66 -12.05 -27.04
C MET B 64 -0.86 -12.00 -26.80
C MET B 64 -0.83 -12.01 -26.68
N ARG B 65 -1.50 -13.16 -26.80
CA ARG B 65 -2.89 -13.27 -26.38
C ARG B 65 -2.94 -13.10 -24.88
N ASN B 66 -3.91 -12.33 -24.39
CA ASN B 66 -3.97 -12.08 -22.96
C ASN B 66 -4.56 -13.26 -22.22
N ARG B 67 -3.82 -14.37 -22.17
CA ARG B 67 -4.35 -15.57 -21.52
C ARG B 67 -4.24 -15.40 -20.03
N LYS B 68 -5.14 -16.07 -19.31
CA LYS B 68 -5.16 -16.01 -17.87
C LYS B 68 -3.94 -16.73 -17.31
N ALA B 69 -3.62 -17.88 -17.92
CA ALA B 69 -2.34 -18.58 -17.70
C ALA B 69 -1.44 -18.42 -18.93
N LYS B 70 -0.49 -17.50 -18.85
CA LYS B 70 0.31 -17.14 -20.03
C LYS B 70 1.49 -18.06 -20.27
N SER B 71 1.69 -18.37 -21.55
CA SER B 71 2.94 -18.90 -22.07
C SER B 71 4.07 -17.90 -21.87
N ASN B 72 5.31 -18.41 -21.88
CA ASN B 72 6.47 -17.53 -21.85
C ASN B 72 6.54 -16.64 -23.08
N LEU B 73 7.17 -15.49 -22.94
CA LEU B 73 7.45 -14.62 -24.08
C LEU B 73 8.72 -15.15 -24.75
N THR B 74 8.63 -15.51 -26.02
CA THR B 74 9.77 -15.87 -26.88
C THR B 74 10.43 -14.56 -27.34
N LEU B 75 11.65 -14.32 -26.86
CA LEU B 75 12.39 -13.07 -27.14
C LEU B 75 13.04 -13.14 -28.52
N PHE B 76 13.76 -14.24 -28.75
CA PHE B 76 14.36 -14.51 -30.05
C PHE B 76 14.89 -15.92 -30.05
N HIS B 77 15.41 -16.33 -31.20
CA HIS B 77 15.92 -17.68 -31.41
C HIS B 77 17.42 -17.57 -31.72
N LYS B 78 18.19 -18.58 -31.33
CA LYS B 78 19.63 -18.58 -31.66
C LYS B 78 20.24 -19.96 -31.53
N LYS B 79 21.04 -20.33 -32.52
CA LYS B 79 21.76 -21.61 -32.51
C LYS B 79 22.97 -21.51 -31.56
N PRO B 80 23.41 -22.65 -31.00
CA PRO B 80 24.67 -22.60 -30.27
C PRO B 80 25.88 -22.28 -31.20
N VAL B 81 26.91 -21.68 -30.60
CA VAL B 81 28.12 -21.22 -31.32
C VAL B 81 29.19 -22.31 -31.38
N ALA B 82 29.19 -23.16 -30.36
CA ALA B 82 30.19 -24.22 -30.24
C ALA B 82 29.57 -25.46 -29.63
N GLY B 83 30.17 -26.62 -29.88
CA GLY B 83 29.75 -27.88 -29.26
C GLY B 83 28.71 -28.62 -30.09
N GLN B 84 27.79 -29.33 -29.43
CA GLN B 84 26.77 -30.09 -30.15
C GLN B 84 25.81 -29.17 -30.90
N THR B 85 25.50 -29.51 -32.16
CA THR B 85 24.46 -28.83 -32.89
C THR B 85 23.08 -29.16 -32.27
N VAL B 86 22.09 -28.32 -32.55
CA VAL B 86 20.73 -28.57 -32.11
C VAL B 86 20.15 -29.89 -32.67
N ILE B 87 20.41 -30.19 -33.93
CA ILE B 87 20.01 -31.50 -34.52
C ILE B 87 20.71 -32.71 -33.87
N GLN B 88 22.03 -32.61 -33.65
CA GLN B 88 22.74 -33.59 -32.82
C GLN B 88 22.09 -33.79 -31.45
N ILE B 89 21.66 -32.72 -30.81
CA ILE B 89 20.98 -32.79 -29.50
C ILE B 89 19.60 -33.40 -29.66
N PHE B 90 18.92 -33.05 -30.74
CA PHE B 90 17.60 -33.64 -31.06
C PHE B 90 17.77 -35.16 -31.26
N ASN B 91 18.81 -35.56 -32.01
CA ASN B 91 19.04 -36.99 -32.29
C ASN B 91 19.17 -37.83 -31.03
N ARG B 92 19.85 -37.29 -30.02
CA ARG B 92 20.11 -38.02 -28.80
C ARG B 92 18.97 -37.97 -27.78
N PHE B 93 18.40 -36.78 -27.61
CA PHE B 93 17.42 -36.55 -26.55
C PHE B 93 15.97 -36.52 -27.01
N GLY B 94 15.76 -36.48 -28.33
CA GLY B 94 14.41 -36.46 -28.89
C GLY B 94 13.72 -37.78 -28.62
N TYR B 95 12.41 -37.77 -28.67
CA TYR B 95 11.60 -38.93 -28.30
C TYR B 95 10.46 -39.11 -29.28
N VAL B 96 10.04 -40.36 -29.47
CA VAL B 96 9.03 -40.67 -30.47
C VAL B 96 7.65 -40.57 -29.83
N LYS B 97 6.78 -39.75 -30.41
CA LYS B 97 5.45 -39.46 -29.82
C LYS B 97 4.50 -38.97 -30.89
N PRO B 98 3.20 -39.33 -30.78
CA PRO B 98 2.29 -38.80 -31.79
C PRO B 98 2.19 -37.27 -31.75
N SER B 99 1.94 -36.66 -32.91
CA SER B 99 1.59 -35.24 -32.96
C SER B 99 0.46 -34.91 -31.98
N SER B 100 0.57 -33.78 -31.28
CA SER B 100 -0.48 -33.36 -30.32
C SER B 100 -1.72 -32.81 -31.01
N ARG B 101 -1.58 -32.44 -32.29
CA ARG B 101 -2.72 -31.95 -33.07
C ARG B 101 -3.38 -33.02 -33.92
N ASN B 102 -2.58 -33.95 -34.45
CA ASN B 102 -3.10 -35.10 -35.22
C ASN B 102 -2.55 -36.43 -34.68
N PRO B 103 -3.36 -37.15 -33.89
CA PRO B 103 -2.93 -38.44 -33.34
C PRO B 103 -2.45 -39.43 -34.41
N GLU B 104 -2.92 -39.25 -35.64
CA GLU B 104 -2.59 -40.13 -36.76
C GLU B 104 -1.23 -39.87 -37.38
N VAL B 105 -0.54 -38.81 -36.95
CA VAL B 105 0.85 -38.59 -37.37
C VAL B 105 1.80 -38.87 -36.20
N MET B 106 2.72 -39.80 -36.44
CA MET B 106 3.81 -40.07 -35.50
C MET B 106 5.02 -39.15 -35.77
N LYS B 107 5.54 -38.58 -34.68
CA LYS B 107 6.59 -37.61 -34.72
C LYS B 107 7.78 -38.12 -33.92
N LYS B 108 8.98 -37.66 -34.26
CA LYS B 108 10.05 -37.56 -33.27
C LYS B 108 10.10 -36.10 -32.88
N LYS B 109 10.17 -35.86 -31.57
CA LYS B 109 10.10 -34.53 -31.01
C LYS B 109 11.19 -34.28 -30.01
N LEU B 110 11.54 -33.00 -29.87
CA LEU B 110 12.23 -32.55 -28.70
C LEU B 110 11.65 -31.18 -28.35
N PHE B 111 10.66 -31.18 -27.47
CA PHE B 111 10.10 -29.92 -26.92
C PHE B 111 10.39 -29.90 -25.45
N THR B 112 11.39 -29.12 -25.06
CA THR B 112 11.92 -29.09 -23.69
C THR B 112 12.30 -27.66 -23.30
N THR B 113 12.07 -27.34 -22.04
CA THR B 113 12.51 -26.04 -21.43
C THR B 113 13.73 -26.31 -20.54
N ILE B 114 14.83 -25.65 -20.86
CA ILE B 114 16.08 -25.86 -20.17
C ILE B 114 16.45 -24.57 -19.43
N LYS B 115 16.83 -24.69 -18.17
CA LYS B 115 17.20 -23.51 -17.41
C LYS B 115 18.31 -23.77 -16.42
N GLY B 116 18.93 -22.68 -16.00
CA GLY B 116 19.95 -22.74 -14.96
C GLY B 116 19.33 -22.95 -13.60
N GLY B 117 20.11 -23.56 -12.69
CA GLY B 117 19.71 -23.71 -11.28
C GLY B 117 19.06 -25.06 -11.03
N ARG B 118 18.83 -25.82 -12.11
CA ARG B 118 18.04 -27.03 -12.06
C ARG B 118 18.29 -27.92 -13.26
N LEU B 119 18.34 -29.23 -13.03
CA LEU B 119 18.28 -30.20 -14.12
C LEU B 119 16.82 -30.51 -14.40
N ASN B 120 16.42 -30.48 -15.66
CA ASN B 120 15.07 -30.89 -16.04
C ASN B 120 14.94 -32.41 -16.14
N ASN B 121 13.79 -32.90 -16.55
CA ASN B 121 13.51 -34.35 -16.54
C ASN B 121 14.34 -35.13 -17.56
N LEU B 122 14.90 -34.43 -18.55
CA LEU B 122 15.83 -35.03 -19.52
C LEU B 122 17.29 -34.87 -19.07
N GLY B 123 17.49 -34.25 -17.91
CA GLY B 123 18.82 -34.08 -17.32
C GLY B 123 19.53 -32.86 -17.85
N LEU B 124 18.80 -31.98 -18.55
CA LEU B 124 19.44 -30.84 -19.22
C LEU B 124 19.46 -29.63 -18.28
N THR B 125 20.52 -28.83 -18.37
CA THR B 125 20.65 -27.61 -17.59
C THR B 125 21.55 -26.59 -18.26
N LEU B 126 21.47 -25.35 -17.80
CA LEU B 126 22.30 -24.28 -18.34
C LEU B 126 23.21 -23.75 -17.26
N ASN B 127 24.42 -23.35 -17.66
CA ASN B 127 25.32 -22.59 -16.79
C ASN B 127 25.94 -21.45 -17.58
N ALA B 128 25.72 -20.24 -17.09
CA ALA B 128 26.22 -19.02 -17.71
C ALA B 128 27.42 -18.46 -16.95
N LYS B 129 28.58 -18.43 -17.60
CA LYS B 129 29.74 -17.66 -17.14
C LYS B 129 29.60 -16.21 -17.58
N HIS B 130 29.14 -16.01 -18.81
CA HIS B 130 28.73 -14.68 -19.32
C HIS B 130 27.63 -14.84 -20.37
N ALA B 131 27.04 -13.72 -20.80
CA ALA B 131 26.03 -13.74 -21.88
C ALA B 131 26.59 -14.36 -23.14
N SER B 132 27.88 -14.15 -23.36
CA SER B 132 28.58 -14.70 -24.51
C SER B 132 29.00 -16.16 -24.28
N GLU B 133 28.84 -16.66 -23.07
CA GLU B 133 29.10 -18.07 -22.76
C GLU B 133 28.05 -18.70 -21.87
N ILE B 134 26.97 -19.16 -22.49
CA ILE B 134 25.93 -19.92 -21.82
C ILE B 134 26.10 -21.35 -22.23
N ASN B 135 26.38 -22.22 -21.27
CA ASN B 135 26.69 -23.61 -21.58
C ASN B 135 25.52 -24.54 -21.23
N LEU B 136 25.21 -25.45 -22.15
CA LEU B 136 24.24 -26.52 -21.94
C LEU B 136 24.91 -27.82 -21.49
N TYR B 137 24.35 -28.43 -20.45
CA TYR B 137 24.88 -29.65 -19.86
C TYR B 137 23.78 -30.68 -19.74
N TYR B 138 24.14 -31.92 -20.02
CA TYR B 138 23.35 -33.08 -19.65
C TYR B 138 23.98 -33.61 -18.37
N GLN B 139 23.28 -33.47 -17.24
CA GLN B 139 23.87 -33.80 -15.94
C GLN B 139 25.22 -33.06 -15.84
N ASP B 140 26.34 -33.79 -15.80
CA ASP B 140 27.67 -33.15 -15.70
C ASP B 140 28.41 -33.07 -17.04
N GLU B 141 27.81 -33.59 -18.10
CA GLU B 141 28.46 -33.63 -19.39
C GLU B 141 28.16 -32.37 -20.23
N TYR B 142 29.22 -31.65 -20.61
CA TYR B 142 29.11 -30.48 -21.47
C TYR B 142 28.65 -30.83 -22.90
N LEU B 143 27.61 -30.13 -23.37
CA LEU B 143 27.07 -30.37 -24.71
C LEU B 143 27.40 -29.24 -25.67
N SER B 144 27.05 -28.02 -25.29
CA SER B 144 27.02 -26.91 -26.22
C SER B 144 27.11 -25.59 -25.52
N THR B 145 27.46 -24.57 -26.31
CA THR B 145 27.59 -23.21 -25.82
C THR B 145 26.86 -22.22 -26.71
N TRP B 146 26.16 -21.28 -26.08
CA TRP B 146 25.51 -20.17 -26.77
C TRP B 146 26.19 -18.82 -26.50
N ASP B 147 26.39 -18.06 -27.59
CA ASP B 147 26.78 -16.65 -27.54
C ASP B 147 25.60 -15.81 -28.05
N LEU B 148 24.88 -15.20 -27.13
CA LEU B 148 23.62 -14.54 -27.44
C LEU B 148 23.81 -13.05 -27.62
N ASN B 149 23.27 -12.53 -28.73
CA ASN B 149 23.28 -11.10 -29.04
C ASN B 149 21.97 -10.47 -28.56
N LEU B 150 22.02 -9.75 -27.44
CA LEU B 150 20.84 -9.18 -26.83
C LEU B 150 20.47 -7.82 -27.41
N SER B 151 21.34 -7.25 -28.25
CA SER B 151 21.06 -6.02 -29.03
C SER B 151 19.70 -6.04 -29.73
N LYS B 152 19.24 -7.24 -30.08
CA LYS B 152 17.97 -7.50 -30.72
C LYS B 152 16.74 -7.04 -29.91
N ILE B 153 16.83 -7.15 -28.58
CA ILE B 153 15.71 -6.88 -27.70
C ILE B 153 16.08 -5.75 -26.71
N GLU B 154 16.87 -4.79 -27.18
CA GLU B 154 17.18 -3.59 -26.39
C GLU B 154 15.91 -2.87 -25.99
N LYS B 155 14.98 -2.75 -26.95
CA LYS B 155 13.73 -2.04 -26.73
C LYS B 155 12.57 -2.84 -27.32
N LEU B 156 11.69 -3.32 -26.44
N LEU B 156 11.65 -3.23 -26.44
CA LEU B 156 10.51 -4.07 -26.86
CA LEU B 156 10.54 -4.08 -26.81
C LEU B 156 9.25 -3.24 -26.77
C LEU B 156 9.22 -3.31 -26.73
N VAL B 157 8.37 -3.45 -27.75
CA VAL B 157 6.99 -2.96 -27.69
C VAL B 157 6.13 -4.24 -27.56
N LEU B 158 5.58 -4.38 -26.36
CA LEU B 158 4.89 -5.59 -25.94
C LEU B 158 3.38 -5.32 -25.87
N VAL B 159 2.63 -5.99 -26.74
CA VAL B 159 1.21 -5.69 -26.96
C VAL B 159 0.36 -6.90 -26.66
N PHE B 160 -0.65 -6.74 -25.83
CA PHE B 160 -1.56 -7.83 -25.44
C PHE B 160 -2.93 -7.69 -26.12
N ALA B 161 -3.44 -8.85 -26.55
CA ALA B 161 -4.71 -8.96 -27.27
C ALA B 161 -5.75 -9.79 -26.51
N GLU B 162 -6.97 -9.24 -26.38
CA GLU B 162 -8.10 -10.02 -25.99
C GLU B 162 -8.48 -10.85 -27.20
N THR B 163 -9.08 -12.00 -26.99
CA THR B 163 -9.46 -12.86 -28.12
C THR B 163 -10.92 -13.22 -28.10
N ILE B 164 -11.45 -13.48 -29.29
CA ILE B 164 -12.77 -14.12 -29.46
C ILE B 164 -12.59 -15.27 -30.42
N GLY B 165 -13.19 -16.40 -30.08
CA GLY B 165 -13.15 -17.58 -30.93
C GLY B 165 -12.12 -18.61 -30.52
N ARG B 166 -12.17 -19.74 -31.21
CA ARG B 166 -11.31 -20.87 -30.89
C ARG B 166 -9.87 -20.59 -31.27
N ALA B 167 -8.94 -20.92 -30.36
CA ALA B 167 -7.50 -20.69 -30.62
C ALA B 167 -7.10 -21.40 -31.90
N ASN B 168 -6.39 -20.68 -32.76
CA ASN B 168 -5.91 -21.21 -34.04
C ASN B 168 -7.03 -21.67 -34.99
N SER B 169 -8.22 -21.09 -34.83
CA SER B 169 -9.29 -21.30 -35.78
C SER B 169 -9.28 -20.17 -36.78
N PRO B 170 -9.80 -20.41 -37.99
CA PRO B 170 -9.95 -19.33 -38.98
C PRO B 170 -10.76 -18.12 -38.48
N GLU B 171 -11.62 -18.32 -37.49
CA GLU B 171 -12.50 -17.28 -36.98
C GLU B 171 -11.97 -16.59 -35.72
N GLU B 172 -10.74 -16.89 -35.34
CA GLU B 172 -10.16 -16.24 -34.18
C GLU B 172 -10.06 -14.73 -34.44
N GLN B 173 -10.33 -13.95 -33.40
CA GLN B 173 -10.21 -12.48 -33.45
C GLN B 173 -9.40 -11.93 -32.31
N PHE B 174 -8.78 -10.78 -32.57
CA PHE B 174 -7.82 -10.18 -31.65
C PHE B 174 -8.11 -8.69 -31.49
N HIS B 175 -8.30 -8.28 -30.25
CA HIS B 175 -8.38 -6.86 -29.90
C HIS B 175 -7.16 -6.53 -29.07
N PHE B 176 -6.23 -5.74 -29.63
CA PHE B 176 -5.02 -5.33 -28.91
C PHE B 176 -5.37 -4.15 -28.02
N THR B 177 -5.33 -4.37 -26.70
CA THR B 177 -5.89 -3.46 -25.72
C THR B 177 -4.86 -2.78 -24.79
N LYS B 178 -3.68 -3.38 -24.66
CA LYS B 178 -2.71 -2.97 -23.66
C LYS B 178 -1.34 -3.15 -24.27
N ALA B 179 -0.45 -2.18 -24.06
CA ALA B 179 0.92 -2.25 -24.57
C ALA B 179 1.92 -1.59 -23.63
N TYR B 180 3.12 -2.18 -23.63
CA TYR B 180 4.22 -1.65 -22.84
C TYR B 180 5.45 -1.48 -23.69
N MET B 181 6.22 -0.44 -23.35
N MET B 181 6.22 -0.44 -23.37
CA MET B 181 7.58 -0.26 -23.84
CA MET B 181 7.57 -0.34 -23.86
C MET B 181 8.55 -0.75 -22.77
C MET B 181 8.53 -0.78 -22.76
N LEU B 182 9.40 -1.71 -23.11
CA LEU B 182 10.40 -2.25 -22.18
C LEU B 182 11.80 -1.94 -22.66
N THR B 183 12.55 -1.22 -21.81
CA THR B 183 13.87 -0.71 -22.16
C THR B 183 14.84 -0.83 -20.95
N GLU B 184 16.11 -0.45 -21.19
CA GLU B 184 17.21 -0.55 -20.21
C GLU B 184 17.42 -1.97 -19.71
N ILE B 185 17.83 -2.81 -20.64
CA ILE B 185 18.01 -4.23 -20.40
C ILE B 185 19.19 -4.52 -19.44
N ASN B 186 18.98 -5.48 -18.57
CA ASN B 186 20.02 -5.99 -17.67
C ASN B 186 20.89 -7.04 -18.32
N ASP B 187 22.07 -7.27 -17.73
CA ASP B 187 22.93 -8.38 -18.12
C ASP B 187 22.22 -9.70 -17.78
N ILE B 188 22.26 -10.64 -18.72
CA ILE B 188 21.49 -11.89 -18.60
C ILE B 188 22.17 -13.06 -17.90
N THR B 189 23.43 -12.90 -17.52
CA THR B 189 24.19 -13.99 -16.86
C THR B 189 23.50 -14.48 -15.60
N SER B 190 23.18 -13.56 -14.68
CA SER B 190 22.48 -13.91 -13.46
C SER B 190 21.05 -14.45 -13.71
N LEU B 191 20.37 -13.90 -14.71
CA LEU B 191 19.03 -14.35 -15.10
C LEU B 191 19.01 -15.77 -15.67
N ILE B 192 20.05 -16.15 -16.40
CA ILE B 192 20.18 -17.55 -16.82
C ILE B 192 20.40 -18.43 -15.59
N ASN B 193 21.43 -18.13 -14.81
CA ASN B 193 21.78 -18.98 -13.66
C ASN B 193 20.71 -19.07 -12.58
N ASP B 194 19.85 -18.07 -12.47
CA ASP B 194 18.78 -18.10 -11.46
C ASP B 194 17.50 -18.71 -12.02
N GLY B 195 17.52 -19.15 -13.28
CA GLY B 195 16.37 -19.79 -13.90
C GLY B 195 15.25 -18.84 -14.33
N VAL B 196 15.54 -17.54 -14.43
CA VAL B 196 14.57 -16.56 -14.92
C VAL B 196 14.42 -16.63 -16.44
N LEU B 197 15.53 -16.43 -17.17
CA LEU B 197 15.56 -16.55 -18.61
C LEU B 197 15.80 -18.01 -18.85
N VAL B 198 15.03 -18.60 -19.76
CA VAL B 198 15.14 -20.05 -20.04
C VAL B 198 15.24 -20.29 -21.53
N MET B 199 15.71 -21.48 -21.89
CA MET B 199 15.86 -21.82 -23.31
C MET B 199 14.91 -22.96 -23.63
N ASP B 200 14.13 -22.82 -24.71
CA ASP B 200 13.25 -23.87 -25.16
C ASP B 200 13.83 -24.47 -26.46
N LEU B 201 13.91 -25.80 -26.52
CA LEU B 201 14.21 -26.50 -27.77
C LEU B 201 12.88 -26.97 -28.38
N CYS B 202 12.68 -26.69 -29.68
CA CYS B 202 11.40 -26.96 -30.35
C CYS B 202 11.65 -27.57 -31.71
N ILE B 203 12.03 -28.84 -31.70
CA ILE B 203 12.40 -29.54 -32.90
C ILE B 203 11.43 -30.69 -33.04
N ASP B 204 10.94 -30.93 -34.25
CA ASP B 204 10.18 -32.16 -34.50
C ASP B 204 10.28 -32.62 -35.95
N GLN B 205 9.81 -33.83 -36.19
CA GLN B 205 9.95 -34.47 -37.50
C GLN B 205 8.78 -35.43 -37.76
N ASP B 206 8.16 -35.33 -38.94
CA ASP B 206 7.14 -36.30 -39.37
C ASP B 206 7.86 -37.56 -39.83
N LEU B 207 7.66 -38.66 -39.12
CA LEU B 207 8.40 -39.90 -39.39
C LEU B 207 7.90 -40.63 -40.65
N SER B 208 6.73 -40.24 -41.15
CA SER B 208 6.23 -40.79 -42.43
C SER B 208 6.82 -40.04 -43.63
N LYS B 209 7.61 -39.01 -43.37
CA LYS B 209 8.23 -38.23 -44.44
C LYS B 209 9.75 -38.40 -44.39
N SER B 210 10.38 -38.06 -45.51
CA SER B 210 11.81 -38.23 -45.69
C SER B 210 12.60 -37.10 -45.10
N LYS B 211 12.06 -35.89 -45.24
CA LYS B 211 12.81 -34.67 -44.92
C LYS B 211 13.28 -34.61 -43.47
N GLY B 212 14.35 -33.84 -43.27
CA GLY B 212 14.99 -33.76 -41.98
C GLY B 212 14.11 -33.03 -40.97
N PRO B 213 14.55 -33.02 -39.72
CA PRO B 213 13.73 -32.39 -38.69
C PRO B 213 13.66 -30.89 -38.84
N HIS B 214 12.59 -30.33 -38.26
CA HIS B 214 12.33 -28.92 -38.27
C HIS B 214 12.73 -28.35 -36.90
N ASP B 215 13.94 -27.80 -36.84
CA ASP B 215 14.42 -27.01 -35.71
C ASP B 215 13.88 -25.58 -35.83
N ARG B 216 13.03 -25.18 -34.89
CA ARG B 216 12.49 -23.83 -34.90
C ARG B 216 13.46 -22.80 -34.36
N GLY B 217 14.62 -23.28 -33.93
CA GLY B 217 15.70 -22.48 -33.36
C GLY B 217 15.52 -22.42 -31.86
N PRO B 218 16.58 -22.66 -31.10
CA PRO B 218 16.50 -22.56 -29.64
C PRO B 218 15.90 -21.23 -29.18
N HIS B 219 14.83 -21.25 -28.37
CA HIS B 219 14.09 -20.06 -27.99
C HIS B 219 14.70 -19.53 -26.73
N LEU B 220 15.08 -18.27 -26.69
CA LEU B 220 15.27 -17.58 -25.42
C LEU B 220 13.92 -17.01 -24.94
N ARG B 221 13.47 -17.39 -23.75
CA ARG B 221 12.13 -17.05 -23.29
C ARG B 221 12.14 -16.53 -21.87
N ILE B 222 11.16 -15.71 -21.52
CA ILE B 222 11.02 -15.21 -20.17
C ILE B 222 9.51 -15.17 -19.82
N PRO B 223 9.16 -15.58 -18.59
CA PRO B 223 7.77 -15.36 -18.17
C PRO B 223 7.42 -13.87 -18.14
N ILE B 224 6.23 -13.51 -18.60
CA ILE B 224 5.82 -12.11 -18.58
C ILE B 224 6.00 -11.49 -17.19
N SER B 225 5.68 -12.25 -16.14
CA SER B 225 5.77 -11.74 -14.78
C SER B 225 7.19 -11.47 -14.28
N LYS B 226 8.21 -11.84 -15.07
CA LYS B 226 9.63 -11.65 -14.70
C LYS B 226 10.33 -10.63 -15.59
N LEU B 227 9.60 -10.00 -16.49
CA LEU B 227 10.20 -9.00 -17.38
C LEU B 227 10.91 -7.88 -16.63
N ASP B 228 10.46 -7.56 -15.39
CA ASP B 228 11.11 -6.47 -14.63
C ASP B 228 12.48 -6.86 -14.10
N LYS B 229 12.84 -8.13 -14.25
CA LYS B 229 14.17 -8.63 -13.95
C LYS B 229 15.11 -8.49 -15.16
N LEU B 230 14.54 -8.48 -16.36
CA LEU B 230 15.29 -8.29 -17.60
C LEU B 230 15.43 -6.83 -18.00
N TYR B 231 14.38 -6.05 -17.79
CA TYR B 231 14.38 -4.65 -18.15
C TYR B 231 14.12 -3.76 -16.95
N ARG B 232 14.94 -2.72 -16.83
CA ARG B 232 14.80 -1.79 -15.70
C ARG B 232 13.71 -0.73 -15.88
N ASN B 233 13.38 -0.40 -17.14
CA ASN B 233 12.34 0.58 -17.43
C ASN B 233 11.17 -0.03 -18.14
N ILE B 234 9.99 0.05 -17.51
CA ILE B 234 8.75 -0.43 -18.11
C ILE B 234 7.72 0.71 -18.16
N GLU B 235 7.25 1.02 -19.37
CA GLU B 235 6.30 2.10 -19.59
C GLU B 235 5.02 1.59 -20.25
N ARG B 236 3.89 1.89 -19.61
CA ARG B 236 2.58 1.61 -20.16
C ARG B 236 2.32 2.60 -21.30
N LEU B 237 2.17 2.06 -22.51
CA LEU B 237 1.97 2.90 -23.70
C LEU B 237 0.51 2.99 -24.09
N LEU B 238 -0.20 1.91 -23.82
CA LEU B 238 -1.58 1.71 -24.25
C LEU B 238 -2.29 0.99 -23.14
N MET C 1 -4.52 21.04 37.27
CA MET C 1 -4.17 22.48 37.29
C MET C 1 -4.43 23.07 38.67
N LYS C 2 -3.51 23.89 39.15
CA LYS C 2 -3.67 24.59 40.43
C LYS C 2 -4.57 25.80 40.26
N ILE C 3 -5.61 25.89 41.07
CA ILE C 3 -6.45 27.09 41.15
C ILE C 3 -6.02 27.88 42.39
N TRP C 4 -5.39 29.03 42.17
CA TRP C 4 -4.84 29.85 43.26
C TRP C 4 -5.93 30.64 43.95
N SER C 5 -5.87 30.72 45.28
CA SER C 5 -6.68 31.68 46.01
C SER C 5 -6.03 33.06 45.90
N LYS C 6 -6.84 34.09 46.12
CA LYS C 6 -6.38 35.46 46.23
C LYS C 6 -5.27 35.56 47.29
N GLU C 7 -5.47 34.83 48.40
CA GLU C 7 -4.50 34.78 49.51
C GLU C 7 -3.14 34.17 49.09
N GLU C 8 -3.19 33.09 48.33
CA GLU C 8 -1.96 32.46 47.81
C GLU C 8 -1.28 33.35 46.76
N VAL C 9 -2.07 33.99 45.93
CA VAL C 9 -1.54 34.93 44.94
C VAL C 9 -0.77 36.06 45.64
N VAL C 10 -1.34 36.59 46.71
CA VAL C 10 -0.76 37.75 47.39
C VAL C 10 0.55 37.39 48.09
N ASN C 11 0.60 36.21 48.68
CA ASN C 11 1.80 35.72 49.36
C ASN C 11 2.96 35.49 48.35
N LYS C 12 2.62 34.92 47.20
CA LYS C 12 3.59 34.71 46.11
C LYS C 12 4.10 36.00 45.52
N LEU C 13 3.22 36.97 45.33
CA LEU C 13 3.60 38.28 44.80
C LEU C 13 4.61 38.98 45.69
N HIS C 14 4.41 38.88 47.01
CA HIS C 14 5.43 39.29 48.00
C HIS C 14 6.73 38.48 47.89
N GLU C 15 6.60 37.17 47.79
CA GLU C 15 7.76 36.29 47.63
C GLU C 15 8.60 36.68 46.41
N ILE C 16 7.91 36.92 45.30
CA ILE C 16 8.53 37.34 44.04
C ILE C 16 9.18 38.70 44.15
N LYS C 17 8.49 39.68 44.72
CA LYS C 17 9.08 41.00 44.95
C LYS C 17 10.34 40.94 45.83
N ASN C 18 10.31 40.06 46.84
CA ASN C 18 11.46 39.84 47.74
C ASN C 18 12.68 39.22 47.05
N LYS C 19 12.49 38.72 45.82
CA LYS C 19 13.59 38.18 45.00
C LYS C 19 14.38 39.25 44.25
N GLY C 20 13.99 40.51 44.40
CA GLY C 20 14.73 41.59 43.80
C GLY C 20 14.66 41.50 42.30
N TYR C 21 15.75 41.89 41.65
CA TYR C 21 15.83 41.86 40.21
C TYR C 21 16.04 40.45 39.71
N LEU C 22 15.04 39.90 39.04
CA LEU C 22 15.13 38.58 38.48
C LEU C 22 15.79 38.63 37.12
N SER C 23 16.69 37.68 36.88
CA SER C 23 17.40 37.58 35.61
C SER C 23 16.57 36.77 34.65
N VAL C 24 16.88 36.89 33.37
CA VAL C 24 16.35 36.00 32.35
C VAL C 24 17.17 34.72 32.43
N PRO C 25 16.54 33.59 32.82
CA PRO C 25 17.29 32.36 32.82
C PRO C 25 17.88 32.10 31.46
N THR C 26 19.10 31.58 31.43
CA THR C 26 19.79 31.31 30.16
C THR C 26 18.99 30.41 29.21
N ASP C 27 18.21 29.49 29.77
N ASP C 27 18.23 29.47 29.75
CA ASP C 27 17.40 28.53 29.00
CA ASP C 27 17.47 28.52 28.93
C ASP C 27 16.11 29.15 28.44
C ASP C 27 16.24 29.17 28.26
N MET C 28 15.86 30.39 28.85
N MET C 28 15.86 30.34 28.75
CA MET C 28 14.64 31.09 28.44
CA MET C 28 14.65 31.00 28.27
C MET C 28 14.90 32.13 27.35
C MET C 28 14.90 32.14 27.31
N PHE C 29 16.10 32.72 27.35
CA PHE C 29 16.35 33.95 26.59
C PHE C 29 16.15 33.74 25.10
N ARG C 30 15.44 34.67 24.46
CA ARG C 30 15.21 34.60 23.02
C ARG C 30 14.85 35.96 22.40
N THR C 31 15.43 37.04 22.92
CA THR C 31 15.23 38.40 22.38
C THR C 31 13.73 38.68 22.23
N ASP C 32 13.04 38.68 23.36
CA ASP C 32 11.59 38.58 23.41
C ASP C 32 11.02 39.64 24.34
N ASP C 33 10.17 40.48 23.79
CA ASP C 33 9.43 41.47 24.59
C ASP C 33 8.68 40.76 25.71
N GLY C 34 8.15 39.56 25.42
CA GLY C 34 7.28 38.82 26.35
C GLY C 34 7.98 38.14 27.51
N VAL C 35 9.31 38.30 27.62
CA VAL C 35 10.08 37.60 28.66
C VAL C 35 9.63 38.01 30.07
N VAL C 36 9.14 39.25 30.21
CA VAL C 36 8.65 39.72 31.50
C VAL C 36 7.52 38.81 31.98
N GLY C 37 6.62 38.46 31.04
CA GLY C 37 5.51 37.58 31.31
C GLY C 37 5.90 36.13 31.49
N GLN C 38 6.95 35.69 30.78
CA GLN C 38 7.46 34.33 30.89
C GLN C 38 8.03 34.07 32.29
N ILE C 39 8.78 35.06 32.79
CA ILE C 39 9.41 34.99 34.11
C ILE C 39 8.35 35.04 35.20
N LEU C 40 7.37 35.94 35.04
CA LEU C 40 6.27 36.06 35.99
C LEU C 40 5.51 34.72 36.07
N GLU C 41 5.24 34.10 34.92
CA GLU C 41 4.59 32.76 34.89
C GLU C 41 5.43 31.71 35.59
N ARG C 42 6.73 31.67 35.28
N ARG C 42 6.73 31.66 35.27
CA ARG C 42 7.63 30.68 35.90
CA ARG C 42 7.63 30.69 35.90
C ARG C 42 7.67 30.84 37.42
C ARG C 42 7.67 30.84 37.42
N GLN C 43 7.65 32.09 37.88
CA GLN C 43 7.60 32.36 39.32
C GLN C 43 6.35 31.79 39.99
N PHE C 44 5.24 31.74 39.25
CA PHE C 44 3.98 31.10 39.69
C PHE C 44 3.84 29.62 39.25
N GLY C 45 4.95 29.01 38.81
CA GLY C 45 4.92 27.60 38.42
C GLY C 45 4.15 27.33 37.14
N VAL C 46 3.84 28.38 36.38
CA VAL C 46 3.07 28.25 35.17
C VAL C 46 4.04 28.05 34.04
N GLN C 47 3.96 26.89 33.39
CA GLN C 47 4.77 26.61 32.22
C GLN C 47 4.28 27.42 31.03
N GLU C 48 5.15 27.58 30.04
CA GLU C 48 4.81 28.31 28.82
C GLU C 48 3.75 27.52 28.05
N ASN C 49 2.65 28.21 27.72
CA ASN C 49 1.42 27.56 27.28
C ASN C 49 0.63 28.40 26.28
N ASN C 50 -0.25 27.75 25.51
CA ASN C 50 -1.19 28.44 24.62
C ASN C 50 -2.66 28.21 25.04
N ILE C 51 -2.84 27.89 26.33
CA ILE C 51 -4.16 27.56 26.86
C ILE C 51 -4.94 28.85 27.09
N THR C 52 -6.24 28.79 26.82
CA THR C 52 -7.10 29.97 26.87
C THR C 52 -7.77 30.18 28.23
N LEU C 53 -7.66 29.23 29.16
CA LEU C 53 -8.15 29.46 30.53
C LEU C 53 -7.16 30.41 31.19
N GLY C 54 -7.59 31.08 32.26
CA GLY C 54 -6.69 31.93 33.05
C GLY C 54 -5.64 31.05 33.71
N ASP C 55 -4.37 31.44 33.60
CA ASP C 55 -3.25 30.60 34.06
C ASP C 55 -3.20 30.30 35.57
N LEU C 56 -3.86 31.10 36.40
CA LEU C 56 -3.92 30.81 37.84
C LEU C 56 -5.28 30.27 38.28
N GLY C 57 -6.08 29.82 37.31
CA GLY C 57 -7.40 29.29 37.59
C GLY C 57 -8.43 30.36 37.81
N GLU C 58 -8.49 30.93 39.01
CA GLU C 58 -9.43 32.04 39.29
C GLU C 58 -9.05 33.30 38.52
N PHE C 59 -7.76 33.44 38.24
CA PHE C 59 -7.19 34.67 37.74
C PHE C 59 -6.27 34.39 36.58
N GLU C 60 -6.01 35.45 35.85
CA GLU C 60 -5.07 35.48 34.73
C GLU C 60 -3.95 36.46 35.07
N LEU C 61 -2.72 35.96 35.04
CA LEU C 61 -1.54 36.77 35.27
C LEU C 61 -1.22 37.59 34.05
N LYS C 62 -0.95 38.87 34.24
CA LYS C 62 -0.27 39.70 33.25
C LYS C 62 0.89 40.47 33.92
N GLY C 63 2.07 40.41 33.30
CA GLY C 63 3.19 41.22 33.71
C GLY C 63 3.52 42.30 32.70
N MET C 64 3.99 43.45 33.18
N MET C 64 4.07 43.41 33.18
CA MET C 64 4.40 44.54 32.28
CA MET C 64 4.39 44.53 32.31
C MET C 64 5.56 45.31 32.88
C MET C 64 5.53 45.36 32.87
N ARG C 65 6.51 45.65 32.02
CA ARG C 65 7.61 46.51 32.40
C ARG C 65 7.02 47.87 32.78
N ASN C 66 7.54 48.47 33.85
CA ASN C 66 7.01 49.75 34.29
C ASN C 66 7.59 50.95 33.55
N ARG C 67 7.30 51.05 32.27
CA ARG C 67 7.76 52.17 31.44
C ARG C 67 6.98 53.43 31.74
N LYS C 68 7.62 54.58 31.55
CA LYS C 68 7.01 55.88 31.77
C LYS C 68 5.82 56.03 30.83
N ALA C 69 6.08 55.79 29.55
CA ALA C 69 5.04 55.64 28.52
C ALA C 69 4.86 54.14 28.22
N LYS C 70 3.80 53.54 28.73
CA LYS C 70 3.61 52.09 28.50
C LYS C 70 2.91 51.80 27.20
N SER C 71 3.33 50.72 26.55
CA SER C 71 2.54 50.05 25.53
C SER C 71 1.22 49.59 26.14
N ASN C 72 0.27 49.27 25.29
CA ASN C 72 -1.04 48.82 25.74
C ASN C 72 -0.90 47.45 26.36
N LEU C 73 -1.84 47.10 27.21
CA LEU C 73 -1.94 45.74 27.76
C LEU C 73 -2.64 44.84 26.76
N THR C 74 -1.98 43.73 26.39
CA THR C 74 -2.63 42.69 25.57
C THR C 74 -3.39 41.77 26.47
N LEU C 75 -4.71 41.77 26.30
CA LEU C 75 -5.63 40.95 27.10
C LEU C 75 -5.69 39.50 26.60
N PHE C 76 -5.90 39.35 25.30
CA PHE C 76 -5.91 38.04 24.67
C PHE C 76 -5.86 38.18 23.14
N HIS C 77 -5.73 37.03 22.48
CA HIS C 77 -5.74 36.93 21.04
C HIS C 77 -6.98 36.15 20.59
N LYS C 78 -7.54 36.51 19.42
CA LYS C 78 -8.67 35.77 18.85
C LYS C 78 -8.85 36.00 17.36
N LYS C 79 -8.99 34.93 16.59
CA LYS C 79 -9.33 35.03 15.17
C LYS C 79 -10.78 35.50 14.96
N PRO C 80 -11.06 36.12 13.80
CA PRO C 80 -12.45 36.42 13.46
C PRO C 80 -13.26 35.13 13.24
N VAL C 81 -14.55 35.18 13.55
CA VAL C 81 -15.41 34.02 13.38
C VAL C 81 -16.07 34.02 11.97
N ALA C 82 -16.12 35.18 11.32
CA ALA C 82 -16.68 35.29 9.96
C ALA C 82 -15.97 36.35 9.10
N GLY C 83 -16.07 36.19 7.79
CA GLY C 83 -15.55 37.15 6.82
C GLY C 83 -14.13 36.82 6.40
N GLN C 84 -13.36 37.85 6.06
CA GLN C 84 -11.98 37.69 5.66
C GLN C 84 -11.16 37.09 6.81
N THR C 85 -10.23 36.20 6.45
CA THR C 85 -9.31 35.60 7.43
C THR C 85 -8.21 36.65 7.74
N VAL C 86 -7.48 36.47 8.84
CA VAL C 86 -6.41 37.40 9.15
C VAL C 86 -5.33 37.39 8.04
N ILE C 87 -5.02 36.22 7.50
CA ILE C 87 -4.02 36.15 6.43
C ILE C 87 -4.54 36.83 5.16
N GLN C 88 -5.84 36.72 4.91
CA GLN C 88 -6.46 37.50 3.83
C GLN C 88 -6.30 38.99 4.07
N ILE C 89 -6.48 39.42 5.31
CA ILE C 89 -6.29 40.83 5.67
C ILE C 89 -4.82 41.26 5.52
N PHE C 90 -3.90 40.41 5.97
CA PHE C 90 -2.45 40.62 5.75
C PHE C 90 -2.05 40.76 4.27
N ASN C 91 -2.56 39.85 3.46
CA ASN C 91 -2.22 39.79 2.03
C ASN C 91 -2.63 41.12 1.34
N ARG C 92 -3.83 41.57 1.64
CA ARG C 92 -4.36 42.83 1.08
C ARG C 92 -3.70 44.08 1.66
N PHE C 93 -3.65 44.17 3.00
CA PHE C 93 -3.33 45.41 3.72
C PHE C 93 -1.90 45.51 4.24
N GLY C 94 -1.18 44.40 4.23
CA GLY C 94 0.23 44.36 4.57
C GLY C 94 1.12 45.12 3.58
N TYR C 95 2.34 45.43 4.01
CA TYR C 95 3.26 46.29 3.28
C TYR C 95 4.66 45.77 3.44
N VAL C 96 5.51 46.10 2.48
CA VAL C 96 6.86 45.55 2.45
C VAL C 96 7.79 46.59 3.07
N LYS C 97 8.52 46.16 4.09
CA LYS C 97 9.28 47.08 4.92
C LYS C 97 10.39 46.30 5.62
N PRO C 98 11.59 46.90 5.78
CA PRO C 98 12.64 46.11 6.43
C PRO C 98 12.27 45.75 7.86
N SER C 99 12.82 44.64 8.33
CA SER C 99 12.72 44.31 9.74
C SER C 99 13.23 45.48 10.58
N SER C 100 12.52 45.78 11.67
CA SER C 100 12.90 46.90 12.54
C SER C 100 14.09 46.54 13.43
N ARG C 101 14.34 45.23 13.59
CA ARG C 101 15.45 44.73 14.37
C ARG C 101 16.71 44.49 13.52
N ASN C 102 16.55 44.02 12.29
CA ASN C 102 17.68 43.82 11.36
C ASN C 102 17.31 44.42 10.02
N PRO C 103 17.81 45.64 9.73
CA PRO C 103 17.49 46.38 8.51
C PRO C 103 17.81 45.59 7.23
N GLU C 104 18.70 44.61 7.34
CA GLU C 104 19.12 43.82 6.16
C GLU C 104 18.13 42.73 5.79
N VAL C 105 17.07 42.59 6.56
CA VAL C 105 16.05 41.61 6.25
C VAL C 105 14.77 42.30 5.83
N MET C 106 14.33 42.09 4.58
CA MET C 106 13.04 42.61 4.17
C MET C 106 11.93 41.68 4.61
N LYS C 107 10.86 42.31 5.08
CA LYS C 107 9.67 41.65 5.62
C LYS C 107 8.45 42.14 4.87
N LYS C 108 7.36 41.38 4.91
CA LYS C 108 6.05 41.94 4.65
C LYS C 108 5.34 41.90 5.98
N LYS C 109 4.74 43.03 6.36
CA LYS C 109 4.22 43.21 7.68
C LYS C 109 2.82 43.77 7.61
N LEU C 110 2.00 43.40 8.60
CA LEU C 110 0.82 44.14 8.97
C LEU C 110 0.86 44.26 10.48
N PHE C 111 1.25 45.44 10.94
CA PHE C 111 1.28 45.80 12.35
C PHE C 111 0.46 47.09 12.48
N THR C 112 -0.77 46.91 12.87
CA THR C 112 -1.74 48.01 12.88
C THR C 112 -2.66 47.88 14.08
N THR C 113 -3.09 49.02 14.57
CA THR C 113 -4.05 49.12 15.65
C THR C 113 -5.36 49.65 15.08
N ILE C 114 -6.42 48.88 15.30
CA ILE C 114 -7.76 49.19 14.80
C ILE C 114 -8.68 49.62 15.94
N LYS C 115 -9.37 50.73 15.73
CA LYS C 115 -10.24 51.31 16.74
C LYS C 115 -11.64 51.59 16.21
N GLY C 116 -12.61 51.52 17.11
CA GLY C 116 -13.91 52.12 16.88
C GLY C 116 -13.84 53.63 16.97
N GLY C 117 -14.74 54.30 16.24
CA GLY C 117 -14.86 55.76 16.27
C GLY C 117 -13.95 56.50 15.29
N ARG C 118 -13.05 55.75 14.63
CA ARG C 118 -12.03 56.32 13.78
C ARG C 118 -11.63 55.34 12.69
N LEU C 119 -11.30 55.85 11.51
CA LEU C 119 -10.50 55.08 10.54
C LEU C 119 -9.05 55.33 10.89
N ASN C 120 -8.25 54.26 10.87
CA ASN C 120 -6.80 54.42 10.97
C ASN C 120 -6.20 54.78 9.60
N ASN C 121 -4.88 54.95 9.55
CA ASN C 121 -4.21 55.39 8.32
C ASN C 121 -4.31 54.40 7.17
N LEU C 122 -4.62 53.15 7.49
CA LEU C 122 -4.89 52.11 6.49
C LEU C 122 -6.38 52.03 6.10
N GLY C 123 -7.19 52.89 6.69
CA GLY C 123 -8.63 52.89 6.44
C GLY C 123 -9.42 51.89 7.26
N LEU C 124 -8.80 51.28 8.26
CA LEU C 124 -9.45 50.23 9.03
C LEU C 124 -10.13 50.80 10.29
N THR C 125 -11.28 50.22 10.61
CA THR C 125 -12.05 50.63 11.77
C THR C 125 -12.87 49.47 12.30
N LEU C 126 -13.39 49.63 13.49
CA LEU C 126 -14.22 48.64 14.17
C LEU C 126 -15.59 49.20 14.50
N ASN C 127 -16.61 48.34 14.41
CA ASN C 127 -17.93 48.67 14.92
C ASN C 127 -18.56 47.48 15.65
N ALA C 128 -18.91 47.70 16.91
CA ALA C 128 -19.46 46.66 17.75
C ALA C 128 -20.98 46.86 17.87
N LYS C 129 -21.73 45.83 17.50
CA LYS C 129 -23.16 45.74 17.83
C LYS C 129 -23.36 45.10 19.19
N HIS C 130 -22.55 44.09 19.47
CA HIS C 130 -22.45 43.44 20.78
C HIS C 130 -21.02 42.96 20.92
N ALA C 131 -20.63 42.54 22.12
CA ALA C 131 -19.36 41.84 22.33
C ALA C 131 -19.20 40.62 21.42
N SER C 132 -20.32 39.93 21.17
CA SER C 132 -20.36 38.77 20.25
C SER C 132 -20.32 39.13 18.77
N GLU C 133 -20.43 40.42 18.45
CA GLU C 133 -20.42 40.88 17.07
C GLU C 133 -19.64 42.19 16.94
N ILE C 134 -18.33 42.05 16.77
CA ILE C 134 -17.45 43.19 16.56
C ILE C 134 -16.97 43.12 15.12
N ASN C 135 -17.35 44.14 14.37
CA ASN C 135 -17.19 44.15 12.92
C ASN C 135 -16.01 45.03 12.45
N LEU C 136 -15.17 44.45 11.60
CA LEU C 136 -14.05 45.17 10.96
C LEU C 136 -14.43 45.68 9.58
N TYR C 137 -14.01 46.91 9.28
CA TYR C 137 -14.30 47.57 8.02
C TYR C 137 -13.05 48.18 7.48
N TYR C 138 -12.92 48.16 6.16
CA TYR C 138 -11.99 49.04 5.46
C TYR C 138 -12.84 50.12 4.85
N GLN C 139 -12.68 51.35 5.34
CA GLN C 139 -13.56 52.47 4.95
C GLN C 139 -15.05 52.03 5.05
N ASP C 140 -15.73 51.88 3.91
CA ASP C 140 -17.14 51.45 3.91
C ASP C 140 -17.30 49.93 3.68
N GLU C 141 -16.20 49.22 3.46
CA GLU C 141 -16.26 47.81 3.10
C GLU C 141 -16.15 46.90 4.33
N TYR C 142 -17.16 46.08 4.55
CA TYR C 142 -17.14 45.05 5.57
C TYR C 142 -16.04 44.05 5.24
N LEU C 143 -15.28 43.64 6.26
CA LEU C 143 -14.21 42.66 6.11
C LEU C 143 -14.51 41.39 6.91
N SER C 144 -14.58 41.56 8.23
CA SER C 144 -14.65 40.42 9.15
C SER C 144 -15.43 40.70 10.43
N THR C 145 -15.76 39.61 11.13
CA THR C 145 -16.47 39.70 12.38
C THR C 145 -15.76 38.89 13.47
N TRP C 146 -15.60 39.51 14.63
CA TRP C 146 -15.13 38.84 15.84
C TRP C 146 -16.27 38.63 16.83
N ASP C 147 -16.24 37.47 17.48
CA ASP C 147 -17.11 37.15 18.59
C ASP C 147 -16.18 36.75 19.74
N LEU C 148 -15.96 37.69 20.64
CA LEU C 148 -14.91 37.58 21.66
C LEU C 148 -15.48 37.02 22.97
N ASN C 149 -14.85 35.96 23.48
CA ASN C 149 -15.20 35.45 24.80
C ASN C 149 -14.22 36.06 25.77
N LEU C 150 -14.75 36.79 26.75
CA LEU C 150 -13.92 37.51 27.73
C LEU C 150 -13.68 36.73 29.04
N SER C 151 -14.02 35.45 29.06
CA SER C 151 -13.89 34.65 30.28
C SER C 151 -12.47 34.61 30.81
N LYS C 152 -11.51 34.64 29.90
CA LYS C 152 -10.10 34.58 30.27
C LYS C 152 -9.73 35.75 31.18
N ILE C 153 -10.35 36.89 30.95
CA ILE C 153 -9.96 38.16 31.59
C ILE C 153 -10.97 38.72 32.65
N GLU C 154 -11.81 37.86 33.20
CA GLU C 154 -12.76 38.27 34.24
C GLU C 154 -12.08 38.79 35.51
N LYS C 155 -11.00 38.12 35.90
CA LYS C 155 -10.16 38.56 36.99
C LYS C 155 -8.70 38.53 36.49
N LEU C 156 -8.06 39.70 36.45
CA LEU C 156 -6.64 39.82 36.09
C LEU C 156 -5.80 40.07 37.33
N VAL C 157 -4.63 39.46 37.39
CA VAL C 157 -3.57 39.88 38.31
C VAL C 157 -2.53 40.60 37.43
N LEU C 158 -2.45 41.94 37.57
CA LEU C 158 -1.55 42.78 36.76
C LEU C 158 -0.36 43.17 37.61
N VAL C 159 0.84 42.83 37.12
CA VAL C 159 2.08 42.99 37.89
C VAL C 159 3.09 43.83 37.11
N PHE C 160 3.59 44.89 37.74
CA PHE C 160 4.55 45.78 37.10
C PHE C 160 5.98 45.53 37.59
N ALA C 161 6.93 45.52 36.64
CA ALA C 161 8.35 45.28 36.92
C ALA C 161 9.20 46.52 36.63
N GLU C 162 10.05 46.89 37.60
CA GLU C 162 11.16 47.77 37.33
C GLU C 162 12.22 46.95 36.63
N THR C 163 13.01 47.62 35.81
CA THR C 163 14.00 46.92 35.00
C THR C 163 15.37 47.51 35.18
N ILE C 164 16.38 46.67 34.97
CA ILE C 164 17.74 47.12 34.73
C ILE C 164 18.22 46.45 33.44
N GLY C 165 19.06 47.16 32.72
CA GLY C 165 19.69 46.61 31.53
C GLY C 165 18.89 46.86 30.28
N ARG C 166 19.50 46.53 29.14
CA ARG C 166 18.94 46.89 27.85
C ARG C 166 17.76 45.97 27.51
N ALA C 167 16.70 46.57 26.99
CA ALA C 167 15.47 45.86 26.67
C ALA C 167 15.78 44.71 25.70
N ASN C 168 15.22 43.53 26.00
CA ASN C 168 15.41 42.32 25.17
C ASN C 168 16.88 41.82 25.08
N SER C 169 17.70 42.23 26.04
CA SER C 169 19.08 41.76 26.15
C SER C 169 19.19 40.59 27.14
N PRO C 170 20.21 39.74 26.96
CA PRO C 170 20.31 38.60 27.89
C PRO C 170 20.48 39.03 29.35
N GLU C 171 20.96 40.26 29.55
CA GLU C 171 21.24 40.81 30.85
C GLU C 171 20.09 41.60 31.47
N GLU C 172 18.95 41.66 30.79
CA GLU C 172 17.79 42.38 31.31
C GLU C 172 17.32 41.74 32.62
N GLN C 173 16.96 42.58 33.58
CA GLN C 173 16.49 42.13 34.88
C GLN C 173 15.20 42.83 35.24
N PHE C 174 14.37 42.13 36.04
CA PHE C 174 12.98 42.52 36.37
C PHE C 174 12.71 42.43 37.86
N HIS C 175 12.37 43.56 38.46
CA HIS C 175 11.95 43.59 39.85
C HIS C 175 10.48 43.89 39.90
N PHE C 176 9.68 42.86 40.19
CA PHE C 176 8.23 42.98 40.32
C PHE C 176 7.88 43.64 41.65
N THR C 177 7.45 44.90 41.58
CA THR C 177 7.24 45.73 42.77
C THR C 177 5.80 46.14 43.06
N LYS C 178 4.96 46.16 42.04
CA LYS C 178 3.55 46.61 42.22
C LYS C 178 2.63 45.61 41.52
N ALA C 179 1.46 45.35 42.11
CA ALA C 179 0.49 44.42 41.53
C ALA C 179 -0.95 44.77 41.90
N TYR C 180 -1.84 44.61 40.93
CA TYR C 180 -3.27 44.92 41.11
C TYR C 180 -4.14 43.77 40.68
N MET C 181 -5.23 43.57 41.43
N MET C 181 -5.22 43.53 41.41
CA MET C 181 -6.31 42.69 41.04
CA MET C 181 -6.26 42.62 40.95
C MET C 181 -7.41 43.52 40.37
C MET C 181 -7.42 43.45 40.39
N LEU C 182 -7.76 43.15 39.14
CA LEU C 182 -8.82 43.83 38.39
C LEU C 182 -9.98 42.87 38.17
N THR C 183 -11.16 43.27 38.61
CA THR C 183 -12.37 42.42 38.54
C THR C 183 -13.62 43.30 38.29
N GLU C 184 -14.78 42.63 38.12
CA GLU C 184 -16.05 43.29 37.79
C GLU C 184 -16.01 43.93 36.41
N ILE C 185 -15.73 43.07 35.42
CA ILE C 185 -15.53 43.50 34.05
C ILE C 185 -16.82 44.13 33.53
N ASN C 186 -16.66 45.23 32.81
CA ASN C 186 -17.78 45.90 32.12
C ASN C 186 -18.04 45.26 30.76
N ASP C 187 -19.21 45.56 30.18
CA ASP C 187 -19.49 45.15 28.80
C ASP C 187 -18.61 45.94 27.85
N ILE C 188 -18.08 45.29 26.83
CA ILE C 188 -17.06 45.93 25.95
C ILE C 188 -17.59 46.63 24.71
N THR C 189 -18.89 46.54 24.44
CA THR C 189 -19.47 47.10 23.22
C THR C 189 -19.14 48.60 23.10
N SER C 190 -19.50 49.36 24.14
CA SER C 190 -19.22 50.80 24.17
C SER C 190 -17.72 51.09 24.13
N LEU C 191 -16.95 50.27 24.84
CA LEU C 191 -15.48 50.41 24.90
C LEU C 191 -14.82 50.26 23.53
N ILE C 192 -15.33 49.33 22.73
CA ILE C 192 -14.90 49.18 21.33
C ILE C 192 -15.30 50.41 20.51
N ASN C 193 -16.60 50.71 20.49
CA ASN C 193 -17.11 51.87 19.73
C ASN C 193 -16.50 53.21 20.16
N ASP C 194 -16.11 53.34 21.42
CA ASP C 194 -15.53 54.59 21.91
C ASP C 194 -14.02 54.65 21.69
N GLY C 195 -13.44 53.61 21.10
CA GLY C 195 -12.00 53.57 20.82
C GLY C 195 -11.12 53.34 22.05
N VAL C 196 -11.69 52.77 23.11
CA VAL C 196 -10.95 52.54 24.34
C VAL C 196 -10.22 51.19 24.30
N LEU C 197 -10.98 50.13 24.00
CA LEU C 197 -10.44 48.81 23.65
C LEU C 197 -10.05 48.84 22.19
N VAL C 198 -8.91 48.27 21.83
CA VAL C 198 -8.47 48.30 20.44
C VAL C 198 -8.08 46.91 20.02
N MET C 199 -8.05 46.66 18.72
CA MET C 199 -7.53 45.39 18.19
C MET C 199 -6.25 45.68 17.43
N ASP C 200 -5.21 44.91 17.71
CA ASP C 200 -3.95 44.98 16.96
C ASP C 200 -3.82 43.76 16.08
N LEU C 201 -3.51 43.99 14.80
CA LEU C 201 -3.09 42.93 13.87
C LEU C 201 -1.57 42.95 13.85
N CYS C 202 -0.95 41.77 14.01
CA CYS C 202 0.49 41.62 14.14
C CYS C 202 0.99 40.41 13.34
N ILE C 203 1.11 40.60 12.04
CA ILE C 203 1.43 39.54 11.11
C ILE C 203 2.66 39.98 10.32
N ASP C 204 3.62 39.07 10.15
CA ASP C 204 4.80 39.37 9.35
C ASP C 204 5.42 38.12 8.74
N GLN C 205 6.42 38.34 7.90
CA GLN C 205 6.95 37.28 7.08
C GLN C 205 8.28 37.72 6.54
N ASP C 206 9.28 36.82 6.57
CA ASP C 206 10.60 37.10 6.06
C ASP C 206 10.56 36.72 4.58
N LEU C 207 10.58 37.74 3.72
CA LEU C 207 10.38 37.57 2.26
C LEU C 207 11.54 36.86 1.57
N SER C 208 12.62 36.59 2.29
CA SER C 208 13.71 35.79 1.76
C SER C 208 13.56 34.30 2.12
N LYS C 209 12.45 33.94 2.74
CA LYS C 209 12.18 32.54 3.09
C LYS C 209 10.87 32.04 2.53
N SER C 210 10.68 30.73 2.56
CA SER C 210 9.47 30.12 2.01
C SER C 210 8.39 29.91 3.05
N LYS C 211 8.75 30.04 4.32
CA LYS C 211 7.82 30.07 5.45
C LYS C 211 6.60 30.93 5.13
N GLY C 212 5.44 30.46 5.56
CA GLY C 212 4.22 31.24 5.49
C GLY C 212 4.27 32.40 6.48
N PRO C 213 3.24 33.27 6.45
CA PRO C 213 3.30 34.39 7.38
C PRO C 213 3.05 33.95 8.80
N HIS C 214 3.59 34.74 9.73
CA HIS C 214 3.35 34.51 11.16
C HIS C 214 2.29 35.47 11.69
N ASP C 215 1.07 34.96 11.83
CA ASP C 215 -0.01 35.66 12.49
C ASP C 215 0.03 35.37 14.00
N ARG C 216 0.27 36.42 14.78
CA ARG C 216 0.32 36.28 16.24
C ARG C 216 -1.05 36.24 16.88
N GLY C 217 -2.10 36.38 16.08
CA GLY C 217 -3.48 36.40 16.56
C GLY C 217 -3.90 37.84 16.84
N PRO C 218 -5.03 38.29 16.27
CA PRO C 218 -5.46 39.65 16.58
C PRO C 218 -5.52 39.87 18.10
N HIS C 219 -4.86 40.93 18.57
CA HIS C 219 -4.79 41.30 19.96
C HIS C 219 -5.96 42.18 20.40
N LEU C 220 -6.71 41.83 21.44
CA LEU C 220 -7.53 42.82 22.11
C LEU C 220 -6.64 43.50 23.15
N ARG C 221 -6.52 44.83 23.05
CA ARG C 221 -5.60 45.55 23.93
C ARG C 221 -6.27 46.75 24.58
N ILE C 222 -5.77 47.14 25.74
CA ILE C 222 -6.28 48.31 26.43
C ILE C 222 -5.12 49.12 27.01
N PRO C 223 -5.18 50.47 26.90
CA PRO C 223 -4.23 51.23 27.71
C PRO C 223 -4.44 51.01 29.20
N ILE C 224 -3.33 50.89 29.91
CA ILE C 224 -3.32 50.76 31.36
C ILE C 224 -4.08 51.92 32.00
N SER C 225 -3.99 53.08 31.39
CA SER C 225 -4.63 54.29 31.92
C SER C 225 -6.17 54.30 31.76
N LYS C 226 -6.72 53.36 30.98
N LYS C 226 -6.70 53.37 30.98
CA LYS C 226 -8.16 53.24 30.78
CA LYS C 226 -8.15 53.22 30.75
C LYS C 226 -8.74 51.95 31.38
C LYS C 226 -8.75 51.95 31.40
N LEU C 227 -8.00 51.28 32.27
CA LEU C 227 -8.47 49.99 32.84
C LEU C 227 -9.68 50.10 33.77
N ASP C 228 -9.87 51.28 34.36
CA ASP C 228 -11.10 51.59 35.13
C ASP C 228 -12.37 51.68 34.25
N LYS C 229 -12.17 51.81 32.94
CA LYS C 229 -13.26 51.74 31.96
C LYS C 229 -13.69 50.31 31.69
N LEU C 230 -12.74 49.40 31.83
CA LEU C 230 -12.99 48.00 31.62
C LEU C 230 -13.36 47.30 32.92
N TYR C 231 -12.79 47.70 34.05
CA TYR C 231 -13.08 47.02 35.32
C TYR C 231 -13.58 47.97 36.41
N ARG C 232 -14.63 47.56 37.11
CA ARG C 232 -15.20 48.37 38.23
C ARG C 232 -14.49 48.20 39.57
N ASN C 233 -13.76 47.11 39.75
CA ASN C 233 -13.00 46.87 40.95
C ASN C 233 -11.52 46.69 40.64
N ILE C 234 -10.72 47.54 41.27
CA ILE C 234 -9.28 47.52 41.20
C ILE C 234 -8.70 47.49 42.61
N GLU C 235 -7.95 46.40 42.91
CA GLU C 235 -7.36 46.18 44.21
C GLU C 235 -5.84 46.03 44.13
N ARG C 236 -5.14 46.93 44.83
CA ARG C 236 -3.69 46.87 44.95
C ARG C 236 -3.31 45.71 45.87
N LEU C 237 -2.63 44.71 45.29
CA LEU C 237 -2.25 43.49 46.00
C LEU C 237 -0.80 43.48 46.47
N LEU C 238 0.03 44.35 45.86
CA LEU C 238 1.45 44.44 46.16
C LEU C 238 1.90 45.88 45.90
N MET D 1 -26.60 -46.73 9.93
CA MET D 1 -25.78 -46.70 8.69
C MET D 1 -26.09 -47.91 7.79
N LYS D 2 -26.08 -47.69 6.48
CA LYS D 2 -26.15 -48.78 5.51
C LYS D 2 -24.74 -49.14 5.02
N ILE D 3 -24.40 -50.42 5.12
CA ILE D 3 -23.16 -50.95 4.55
C ILE D 3 -23.51 -51.44 3.15
N TRP D 4 -22.82 -50.90 2.15
CA TRP D 4 -23.16 -51.15 0.74
C TRP D 4 -22.31 -52.28 0.14
N SER D 5 -22.95 -53.09 -0.70
CA SER D 5 -22.24 -54.02 -1.58
C SER D 5 -21.87 -53.35 -2.89
N LYS D 6 -20.88 -53.90 -3.59
CA LYS D 6 -20.45 -53.39 -4.90
C LYS D 6 -21.54 -53.41 -5.98
N GLU D 7 -22.41 -54.43 -5.97
CA GLU D 7 -23.51 -54.47 -6.93
C GLU D 7 -24.50 -53.33 -6.69
N GLU D 8 -24.82 -53.09 -5.42
CA GLU D 8 -25.70 -51.98 -5.05
C GLU D 8 -25.11 -50.63 -5.48
N VAL D 9 -23.80 -50.47 -5.32
CA VAL D 9 -23.11 -49.23 -5.71
C VAL D 9 -23.16 -49.01 -7.21
N VAL D 10 -22.96 -50.10 -7.96
CA VAL D 10 -22.92 -50.02 -9.41
C VAL D 10 -24.32 -49.71 -9.96
N ASN D 11 -25.35 -50.38 -9.42
CA ASN D 11 -26.75 -50.06 -9.71
C ASN D 11 -27.06 -48.58 -9.47
N LYS D 12 -26.66 -48.09 -8.30
CA LYS D 12 -26.95 -46.72 -7.90
C LYS D 12 -26.26 -45.70 -8.80
N LEU D 13 -25.03 -45.98 -9.20
CA LEU D 13 -24.25 -45.10 -10.08
C LEU D 13 -24.94 -44.95 -11.44
N HIS D 14 -25.47 -46.05 -11.97
CA HIS D 14 -26.26 -45.99 -13.20
C HIS D 14 -27.54 -45.19 -13.04
N GLU D 15 -28.24 -45.42 -11.93
CA GLU D 15 -29.44 -44.65 -11.61
C GLU D 15 -29.13 -43.15 -11.59
N ILE D 16 -28.05 -42.78 -10.92
CA ILE D 16 -27.62 -41.38 -10.84
C ILE D 16 -27.24 -40.83 -12.24
N LYS D 17 -26.45 -41.57 -13.01
CA LYS D 17 -26.09 -41.15 -14.37
C LYS D 17 -27.33 -40.91 -15.25
N ASN D 18 -28.35 -41.75 -15.06
CA ASN D 18 -29.58 -41.71 -15.87
C ASN D 18 -30.49 -40.53 -15.55
N LYS D 19 -30.28 -39.91 -14.38
CA LYS D 19 -31.02 -38.70 -14.01
C LYS D 19 -30.57 -37.47 -14.79
N GLY D 20 -29.40 -37.55 -15.42
CA GLY D 20 -28.85 -36.41 -16.13
C GLY D 20 -28.31 -35.35 -15.17
N TYR D 21 -28.37 -34.08 -15.59
CA TYR D 21 -27.80 -32.99 -14.80
C TYR D 21 -28.62 -32.68 -13.55
N LEU D 22 -27.96 -32.76 -12.40
CA LEU D 22 -28.58 -32.54 -11.09
C LEU D 22 -28.30 -31.14 -10.64
N SER D 23 -29.33 -30.45 -10.15
N SER D 23 -29.33 -30.47 -10.14
CA SER D 23 -29.17 -29.10 -9.62
CA SER D 23 -29.18 -29.12 -9.61
C SER D 23 -28.88 -29.15 -8.13
C SER D 23 -28.89 -29.14 -8.12
N VAL D 24 -28.42 -28.01 -7.60
CA VAL D 24 -28.17 -27.87 -6.17
C VAL D 24 -29.45 -27.39 -5.53
N PRO D 25 -30.04 -28.19 -4.63
CA PRO D 25 -31.18 -27.72 -3.84
C PRO D 25 -30.89 -26.40 -3.14
N THR D 26 -31.89 -25.53 -3.10
CA THR D 26 -31.77 -24.20 -2.53
C THR D 26 -31.27 -24.24 -1.09
N ASP D 27 -31.72 -25.26 -0.34
CA ASP D 27 -31.33 -25.45 1.06
C ASP D 27 -29.95 -26.10 1.29
N MET D 28 -29.30 -26.50 0.19
N MET D 28 -29.29 -26.48 0.20
CA MET D 28 -27.93 -27.04 0.21
CA MET D 28 -27.92 -27.01 0.24
C MET D 28 -26.91 -26.00 -0.25
C MET D 28 -26.90 -26.00 -0.26
N PHE D 29 -27.32 -25.07 -1.11
CA PHE D 29 -26.39 -24.10 -1.69
C PHE D 29 -25.73 -23.17 -0.67
N ARG D 30 -24.41 -23.11 -0.77
CA ARG D 30 -23.63 -22.27 0.10
C ARG D 30 -22.25 -21.90 -0.48
N THR D 31 -22.18 -21.71 -1.81
CA THR D 31 -20.94 -21.22 -2.47
C THR D 31 -19.74 -22.07 -2.02
N ASP D 32 -19.81 -23.34 -2.41
CA ASP D 32 -18.97 -24.37 -1.83
C ASP D 32 -18.39 -25.26 -2.93
N ASP D 33 -17.06 -25.37 -2.96
CA ASP D 33 -16.36 -26.29 -3.88
C ASP D 33 -16.86 -27.71 -3.65
N GLY D 34 -17.13 -28.04 -2.39
CA GLY D 34 -17.55 -29.38 -2.01
C GLY D 34 -18.92 -29.84 -2.41
N VAL D 35 -19.70 -28.98 -3.06
CA VAL D 35 -21.10 -29.29 -3.33
C VAL D 35 -21.23 -30.56 -4.19
N VAL D 36 -20.29 -30.75 -5.10
CA VAL D 36 -20.27 -31.96 -5.94
C VAL D 36 -20.30 -33.22 -5.06
N GLY D 37 -19.54 -33.20 -3.97
CA GLY D 37 -19.57 -34.28 -2.97
C GLY D 37 -20.82 -34.36 -2.13
N GLN D 38 -21.38 -33.21 -1.76
CA GLN D 38 -22.60 -33.21 -0.96
C GLN D 38 -23.73 -33.82 -1.77
N ILE D 39 -23.87 -33.37 -3.02
CA ILE D 39 -24.88 -33.91 -3.92
C ILE D 39 -24.71 -35.44 -4.14
N LEU D 40 -23.49 -35.87 -4.45
CA LEU D 40 -23.19 -37.30 -4.65
C LEU D 40 -23.62 -38.14 -3.44
N GLU D 41 -23.23 -37.71 -2.24
CA GLU D 41 -23.65 -38.40 -1.01
C GLU D 41 -25.18 -38.50 -0.90
N ARG D 42 -25.85 -37.35 -1.10
CA ARG D 42 -27.32 -37.30 -0.98
C ARG D 42 -27.96 -38.27 -1.93
N GLN D 43 -27.41 -38.35 -3.15
CA GLN D 43 -27.87 -39.37 -4.12
C GLN D 43 -27.75 -40.80 -3.58
N PHE D 44 -26.71 -41.07 -2.80
CA PHE D 44 -26.56 -42.36 -2.10
C PHE D 44 -27.25 -42.43 -0.71
N GLY D 45 -28.04 -41.42 -0.35
CA GLY D 45 -28.66 -41.35 0.96
C GLY D 45 -27.73 -41.16 2.15
N VAL D 46 -26.55 -40.62 1.90
CA VAL D 46 -25.57 -40.31 2.96
C VAL D 46 -25.79 -38.87 3.34
N GLN D 47 -26.09 -38.61 4.61
CA GLN D 47 -26.27 -37.25 5.07
C GLN D 47 -24.89 -36.60 5.26
N GLU D 48 -24.91 -35.27 5.39
CA GLU D 48 -23.71 -34.52 5.66
C GLU D 48 -23.16 -34.94 7.00
N ASN D 49 -21.88 -35.31 7.03
CA ASN D 49 -21.25 -35.84 8.24
C ASN D 49 -19.78 -35.42 8.39
N ASN D 50 -19.26 -35.67 9.59
CA ASN D 50 -17.84 -35.45 9.92
C ASN D 50 -17.23 -36.73 10.48
N ILE D 51 -17.83 -37.86 10.10
CA ILE D 51 -17.45 -39.17 10.61
C ILE D 51 -16.33 -39.74 9.72
N THR D 52 -15.39 -40.42 10.35
CA THR D 52 -14.10 -40.77 9.73
C THR D 52 -14.17 -42.07 8.92
N LEU D 53 -15.20 -42.86 9.15
CA LEU D 53 -15.32 -44.14 8.46
C LEU D 53 -15.98 -43.95 7.09
N GLY D 54 -15.68 -44.87 6.18
CA GLY D 54 -16.16 -44.76 4.81
C GLY D 54 -17.67 -44.63 4.80
N ASP D 55 -18.19 -43.63 4.07
CA ASP D 55 -19.62 -43.28 4.17
C ASP D 55 -20.61 -44.31 3.58
N LEU D 56 -20.10 -45.30 2.82
CA LEU D 56 -20.92 -46.43 2.34
C LEU D 56 -20.61 -47.71 3.13
N GLY D 57 -20.03 -47.57 4.33
CA GLY D 57 -19.64 -48.71 5.13
C GLY D 57 -18.37 -49.31 4.58
N GLU D 58 -18.50 -50.21 3.60
CA GLU D 58 -17.33 -50.86 3.02
C GLU D 58 -16.51 -49.89 2.13
N PHE D 59 -17.18 -48.90 1.54
CA PHE D 59 -16.51 -48.00 0.62
C PHE D 59 -16.58 -46.56 1.14
N GLU D 60 -15.64 -45.74 0.66
CA GLU D 60 -15.70 -44.29 0.81
C GLU D 60 -15.97 -43.70 -0.55
N LEU D 61 -17.01 -42.87 -0.59
CA LEU D 61 -17.47 -42.20 -1.79
C LEU D 61 -16.63 -40.93 -2.00
N LYS D 62 -16.17 -40.69 -3.21
CA LYS D 62 -15.52 -39.41 -3.53
C LYS D 62 -16.03 -38.89 -4.88
N GLY D 63 -16.43 -37.62 -4.89
CA GLY D 63 -16.89 -36.97 -6.10
C GLY D 63 -15.94 -35.88 -6.52
N MET D 64 -15.75 -35.71 -7.82
N MET D 64 -15.85 -35.66 -7.83
CA MET D 64 -14.98 -34.58 -8.33
CA MET D 64 -14.95 -34.68 -8.40
C MET D 64 -15.52 -34.12 -9.68
C MET D 64 -15.49 -34.14 -9.72
N ARG D 65 -15.46 -32.82 -9.90
CA ARG D 65 -15.80 -32.26 -11.21
C ARG D 65 -14.71 -32.70 -12.20
N ASN D 66 -15.14 -33.03 -13.42
CA ASN D 66 -14.26 -33.46 -14.49
C ASN D 66 -13.64 -32.28 -15.23
N ARG D 67 -12.83 -31.51 -14.50
CA ARG D 67 -12.03 -30.45 -15.09
C ARG D 67 -10.87 -31.03 -15.91
N LYS D 68 -10.46 -30.31 -16.95
CA LYS D 68 -9.33 -30.76 -17.80
C LYS D 68 -8.02 -30.70 -17.01
N ALA D 69 -7.87 -29.67 -16.17
CA ALA D 69 -6.82 -29.67 -15.16
C ALA D 69 -7.44 -29.92 -13.77
N LYS D 70 -7.42 -31.18 -13.31
CA LYS D 70 -8.05 -31.53 -12.01
C LYS D 70 -7.20 -31.10 -10.82
N SER D 71 -7.87 -30.56 -9.82
CA SER D 71 -7.28 -30.39 -8.50
C SER D 71 -6.90 -31.76 -7.95
N ASN D 72 -6.12 -31.76 -6.87
CA ASN D 72 -5.81 -33.00 -6.18
C ASN D 72 -7.03 -33.57 -5.48
N LEU D 73 -7.06 -34.87 -5.35
CA LEU D 73 -8.08 -35.55 -4.59
C LEU D 73 -7.75 -35.41 -3.11
N THR D 74 -8.70 -34.93 -2.32
CA THR D 74 -8.55 -34.91 -0.86
C THR D 74 -9.03 -36.24 -0.34
N LEU D 75 -8.11 -36.99 0.25
CA LEU D 75 -8.42 -38.32 0.75
C LEU D 75 -9.10 -38.23 2.09
N PHE D 76 -8.50 -37.45 2.99
CA PHE D 76 -9.04 -37.22 4.33
C PHE D 76 -8.22 -36.15 5.05
N HIS D 77 -8.65 -35.78 6.25
CA HIS D 77 -7.94 -34.78 7.04
C HIS D 77 -7.44 -35.41 8.34
N LYS D 78 -6.29 -35.00 8.82
CA LYS D 78 -5.78 -35.47 10.10
C LYS D 78 -4.88 -34.44 10.76
N LYS D 79 -5.06 -34.27 12.06
CA LYS D 79 -4.20 -33.41 12.85
C LYS D 79 -2.89 -34.15 13.16
N PRO D 80 -1.83 -33.41 13.43
CA PRO D 80 -0.61 -34.06 13.90
C PRO D 80 -0.75 -34.61 15.33
N VAL D 81 -0.09 -35.75 15.58
CA VAL D 81 -0.19 -36.47 16.87
C VAL D 81 0.81 -35.92 17.91
N ALA D 82 1.88 -35.31 17.41
CA ALA D 82 2.92 -34.74 18.26
C ALA D 82 3.50 -33.46 17.65
N GLY D 83 4.10 -32.64 18.49
CA GLY D 83 4.82 -31.44 18.04
C GLY D 83 3.96 -30.19 17.96
N GLN D 84 4.33 -29.30 17.06
CA GLN D 84 3.59 -28.04 16.86
C GLN D 84 2.17 -28.31 16.38
N THR D 85 1.20 -27.62 16.97
CA THR D 85 -0.18 -27.70 16.49
C THR D 85 -0.36 -26.97 15.17
N VAL D 86 -1.44 -27.30 14.48
CA VAL D 86 -1.78 -26.65 13.21
C VAL D 86 -1.95 -25.15 13.42
N ILE D 87 -2.65 -24.78 14.49
CA ILE D 87 -2.80 -23.34 14.82
C ILE D 87 -1.45 -22.66 15.11
N GLN D 88 -0.59 -23.31 15.90
CA GLN D 88 0.81 -22.85 16.07
C GLN D 88 1.56 -22.64 14.75
N ILE D 89 1.35 -23.56 13.80
CA ILE D 89 1.94 -23.48 12.43
C ILE D 89 1.32 -22.32 11.63
N PHE D 90 -0.01 -22.22 11.66
CA PHE D 90 -0.71 -21.04 11.11
C PHE D 90 -0.15 -19.73 11.68
N ASN D 91 0.00 -19.66 13.00
CA ASN D 91 0.43 -18.43 13.65
C ASN D 91 1.80 -17.98 13.15
N ARG D 92 2.69 -18.95 12.86
CA ARG D 92 4.06 -18.61 12.43
C ARG D 92 4.18 -18.36 10.93
N PHE D 93 3.60 -19.24 10.13
CA PHE D 93 3.83 -19.25 8.68
C PHE D 93 2.71 -18.61 7.89
N GLY D 94 1.57 -18.39 8.54
CA GLY D 94 0.44 -17.69 7.94
C GLY D 94 0.85 -16.30 7.49
N TYR D 95 0.09 -15.76 6.55
CA TYR D 95 0.42 -14.47 5.94
C TYR D 95 -0.87 -13.69 5.73
N VAL D 96 -0.76 -12.37 5.76
CA VAL D 96 -1.94 -11.50 5.60
C VAL D 96 -2.21 -11.15 4.13
N LYS D 97 -3.41 -11.49 3.65
CA LYS D 97 -3.74 -11.39 2.23
C LYS D 97 -5.26 -11.19 2.11
N PRO D 98 -5.70 -10.48 1.07
CA PRO D 98 -7.13 -10.38 0.87
C PRO D 98 -7.77 -11.71 0.46
N SER D 99 -9.01 -11.89 0.86
CA SER D 99 -9.87 -13.00 0.42
C SER D 99 -9.86 -13.03 -1.10
N SER D 100 -9.74 -14.24 -1.64
CA SER D 100 -9.70 -14.44 -3.08
C SER D 100 -11.10 -14.34 -3.65
N ARG D 101 -12.11 -14.48 -2.80
CA ARG D 101 -13.49 -14.39 -3.24
C ARG D 101 -14.05 -12.98 -3.11
N ASN D 102 -13.70 -12.31 -2.03
CA ASN D 102 -14.12 -10.93 -1.79
C ASN D 102 -12.90 -10.09 -1.40
N PRO D 103 -12.38 -9.29 -2.33
CA PRO D 103 -11.20 -8.44 -2.14
C PRO D 103 -11.30 -7.40 -1.00
N GLU D 104 -12.51 -7.14 -0.53
CA GLU D 104 -12.77 -6.14 0.51
C GLU D 104 -12.65 -6.75 1.90
N VAL D 105 -12.45 -8.06 1.96
CA VAL D 105 -12.24 -8.76 3.23
C VAL D 105 -10.78 -9.20 3.32
N MET D 106 -10.08 -8.71 4.35
CA MET D 106 -8.71 -9.10 4.62
C MET D 106 -8.66 -10.31 5.56
N LYS D 107 -7.78 -11.25 5.20
CA LYS D 107 -7.58 -12.48 5.90
C LYS D 107 -6.17 -12.64 6.41
N LYS D 108 -6.01 -13.46 7.45
CA LYS D 108 -4.75 -14.17 7.63
C LYS D 108 -5.00 -15.59 7.12
N LYS D 109 -4.07 -16.08 6.30
CA LYS D 109 -4.22 -17.35 5.62
C LYS D 109 -3.00 -18.21 5.80
N LEU D 110 -3.20 -19.51 5.76
CA LEU D 110 -2.11 -20.41 5.42
C LEU D 110 -2.69 -21.48 4.49
N PHE D 111 -2.49 -21.29 3.19
CA PHE D 111 -2.85 -22.29 2.18
C PHE D 111 -1.58 -22.75 1.50
N THR D 112 -1.08 -23.92 1.87
CA THR D 112 0.22 -24.41 1.40
C THR D 112 0.19 -25.93 1.17
N THR D 113 0.88 -26.34 0.12
CA THR D 113 1.06 -27.75 -0.18
C THR D 113 2.48 -28.16 0.24
N ILE D 114 2.53 -29.19 1.09
CA ILE D 114 3.78 -29.64 1.69
C ILE D 114 4.05 -31.06 1.23
N LYS D 115 5.23 -31.32 0.68
CA LYS D 115 5.60 -32.66 0.27
C LYS D 115 7.05 -33.01 0.56
N GLY D 116 7.32 -34.31 0.57
CA GLY D 116 8.68 -34.84 0.69
C GLY D 116 9.45 -34.73 -0.62
N GLY D 117 10.77 -34.74 -0.51
CA GLY D 117 11.64 -34.65 -1.67
C GLY D 117 12.08 -33.23 -1.99
N ARG D 118 11.44 -32.23 -1.39
CA ARG D 118 11.81 -30.83 -1.64
C ARG D 118 11.14 -29.89 -0.63
N LEU D 119 11.75 -28.73 -0.44
CA LEU D 119 11.17 -27.69 0.39
C LEU D 119 10.25 -26.82 -0.47
N ASN D 120 9.06 -26.52 0.02
CA ASN D 120 8.17 -25.59 -0.68
C ASN D 120 8.65 -24.15 -0.42
N ASN D 121 7.97 -23.17 -1.00
CA ASN D 121 8.47 -21.80 -0.95
C ASN D 121 8.44 -21.20 0.45
N LEU D 122 7.68 -21.82 1.36
CA LEU D 122 7.63 -21.43 2.78
C LEU D 122 8.67 -22.16 3.65
N GLY D 123 9.48 -23.01 3.02
CA GLY D 123 10.58 -23.71 3.69
C GLY D 123 10.16 -25.06 4.24
N LEU D 124 8.91 -25.42 3.99
CA LEU D 124 8.27 -26.61 4.59
C LEU D 124 8.46 -27.87 3.75
N THR D 125 8.62 -29.01 4.43
CA THR D 125 8.78 -30.31 3.78
C THR D 125 8.38 -31.48 4.71
N LEU D 126 8.18 -32.65 4.11
CA LEU D 126 7.77 -33.88 4.81
C LEU D 126 8.86 -34.95 4.81
N ASN D 127 9.03 -35.61 5.95
CA ASN D 127 9.85 -36.81 6.02
C ASN D 127 9.12 -37.94 6.70
N ALA D 128 8.83 -38.98 5.92
CA ALA D 128 8.20 -40.19 6.44
C ALA D 128 9.27 -41.23 6.82
N LYS D 129 9.36 -41.51 8.11
CA LYS D 129 10.09 -42.68 8.60
C LYS D 129 9.16 -43.90 8.51
N HIS D 130 7.87 -43.68 8.82
CA HIS D 130 6.84 -44.73 8.72
C HIS D 130 5.51 -44.03 8.42
N ALA D 131 4.49 -44.79 8.02
CA ALA D 131 3.12 -44.24 7.92
C ALA D 131 2.75 -43.57 9.24
N SER D 132 3.13 -44.22 10.32
CA SER D 132 2.93 -43.71 11.67
C SER D 132 3.82 -42.54 12.06
N GLU D 133 4.84 -42.25 11.27
CA GLU D 133 5.75 -41.15 11.60
C GLU D 133 6.14 -40.34 10.36
N ILE D 134 5.23 -39.44 10.00
CA ILE D 134 5.43 -38.45 8.95
C ILE D 134 5.71 -37.14 9.67
N ASN D 135 6.93 -36.64 9.50
CA ASN D 135 7.40 -35.49 10.27
C ASN D 135 7.46 -34.26 9.37
N LEU D 136 6.98 -33.15 9.91
CA LEU D 136 7.02 -31.88 9.20
C LEU D 136 8.21 -31.05 9.65
N TYR D 137 8.98 -30.51 8.70
CA TYR D 137 10.09 -29.60 8.98
C TYR D 137 9.92 -28.22 8.32
N TYR D 138 10.42 -27.19 8.99
CA TYR D 138 10.75 -25.93 8.34
C TYR D 138 12.27 -25.93 8.18
N GLN D 139 12.73 -26.03 6.94
CA GLN D 139 14.16 -26.22 6.63
C GLN D 139 14.73 -27.46 7.35
N ASP D 140 15.58 -27.27 8.36
CA ASP D 140 16.10 -28.38 9.19
C ASP D 140 15.41 -28.51 10.56
N GLU D 141 14.50 -27.59 10.87
CA GLU D 141 13.84 -27.58 12.16
C GLU D 141 12.59 -28.46 12.18
N TYR D 142 12.53 -29.35 13.16
CA TYR D 142 11.38 -30.22 13.35
C TYR D 142 10.21 -29.41 13.91
N LEU D 143 9.05 -29.57 13.29
CA LEU D 143 7.84 -28.91 13.74
C LEU D 143 6.86 -29.90 14.39
N SER D 144 6.46 -30.92 13.64
CA SER D 144 5.33 -31.78 14.03
C SER D 144 5.41 -33.18 13.46
N THR D 145 4.53 -34.05 13.95
CA THR D 145 4.42 -35.44 13.50
C THR D 145 2.97 -35.87 13.24
N TRP D 146 2.78 -36.52 12.10
CA TRP D 146 1.53 -37.19 11.76
C TRP D 146 1.69 -38.71 11.83
N ASP D 147 0.68 -39.34 12.41
CA ASP D 147 0.50 -40.79 12.42
C ASP D 147 -0.83 -41.00 11.72
N LEU D 148 -0.75 -41.42 10.45
CA LEU D 148 -1.91 -41.44 9.57
C LEU D 148 -2.64 -42.77 9.60
N ASN D 149 -3.95 -42.72 9.84
CA ASN D 149 -4.83 -43.88 9.75
C ASN D 149 -5.55 -43.88 8.39
N LEU D 150 -5.15 -44.79 7.51
CA LEU D 150 -5.68 -44.78 6.15
C LEU D 150 -6.90 -45.71 5.98
N SER D 151 -7.76 -45.75 7.02
CA SER D 151 -8.87 -46.72 7.12
C SER D 151 -10.06 -46.30 6.29
N LYS D 152 -10.40 -45.02 6.38
CA LYS D 152 -11.49 -44.46 5.56
C LYS D 152 -11.28 -44.78 4.10
N ILE D 153 -10.03 -44.88 3.66
CA ILE D 153 -9.73 -44.95 2.23
C ILE D 153 -9.17 -46.29 1.69
N GLU D 154 -9.40 -47.38 2.41
CA GLU D 154 -9.05 -48.72 1.91
C GLU D 154 -9.72 -49.02 0.59
N LYS D 155 -11.02 -48.69 0.50
CA LYS D 155 -11.79 -48.87 -0.71
C LYS D 155 -12.49 -47.56 -1.06
N LEU D 156 -12.08 -46.99 -2.18
CA LEU D 156 -12.64 -45.75 -2.68
C LEU D 156 -13.62 -46.01 -3.81
N VAL D 157 -14.74 -45.28 -3.81
CA VAL D 157 -15.59 -45.18 -5.01
C VAL D 157 -15.51 -43.75 -5.54
N LEU D 158 -14.79 -43.58 -6.64
CA LEU D 158 -14.45 -42.25 -7.17
C LEU D 158 -15.32 -41.94 -8.38
N VAL D 159 -16.05 -40.83 -8.32
CA VAL D 159 -17.09 -40.53 -9.31
C VAL D 159 -16.87 -39.13 -9.88
N PHE D 160 -16.85 -39.02 -11.20
CA PHE D 160 -16.61 -37.75 -11.88
C PHE D 160 -17.89 -37.16 -12.44
N ALA D 161 -18.04 -35.85 -12.27
CA ALA D 161 -19.20 -35.13 -12.77
C ALA D 161 -18.82 -34.13 -13.87
N GLU D 162 -19.57 -34.15 -14.97
CA GLU D 162 -19.60 -33.05 -15.92
C GLU D 162 -20.46 -31.93 -15.34
N THR D 163 -20.13 -30.69 -15.66
CA THR D 163 -20.84 -29.55 -15.05
C THR D 163 -21.45 -28.60 -16.10
N ILE D 164 -22.55 -27.97 -15.69
CA ILE D 164 -23.19 -26.87 -16.40
C ILE D 164 -23.24 -25.69 -15.40
N GLY D 165 -22.79 -24.52 -15.87
CA GLY D 165 -22.88 -23.30 -15.06
C GLY D 165 -21.58 -22.94 -14.36
N ARG D 166 -21.53 -21.72 -13.81
CA ARG D 166 -20.35 -21.22 -13.12
C ARG D 166 -20.09 -22.06 -11.87
N ALA D 167 -18.82 -22.28 -11.57
CA ALA D 167 -18.46 -23.01 -10.36
C ALA D 167 -18.90 -22.24 -9.12
N ASN D 168 -19.47 -22.98 -8.20
CA ASN D 168 -19.99 -22.46 -6.93
C ASN D 168 -21.16 -21.48 -7.09
N SER D 169 -21.80 -21.49 -8.27
CA SER D 169 -23.01 -20.71 -8.49
C SER D 169 -24.24 -21.54 -8.10
N PRO D 170 -25.33 -20.88 -7.67
CA PRO D 170 -26.51 -21.67 -7.33
C PRO D 170 -27.14 -22.41 -8.51
N GLU D 171 -26.75 -22.03 -9.72
CA GLU D 171 -27.23 -22.65 -10.94
C GLU D 171 -26.34 -23.79 -11.44
N GLU D 172 -25.25 -24.08 -10.74
CA GLU D 172 -24.37 -25.17 -11.16
C GLU D 172 -25.08 -26.52 -11.16
N GLN D 173 -24.84 -27.31 -12.20
CA GLN D 173 -25.43 -28.64 -12.34
C GLN D 173 -24.36 -29.70 -12.52
N PHE D 174 -24.70 -30.92 -12.15
CA PHE D 174 -23.78 -32.05 -12.12
C PHE D 174 -24.37 -33.31 -12.75
N HIS D 175 -23.65 -33.88 -13.70
CA HIS D 175 -24.02 -35.15 -14.31
C HIS D 175 -22.87 -36.10 -14.07
N PHE D 176 -23.10 -37.05 -13.18
CA PHE D 176 -22.08 -38.03 -12.83
C PHE D 176 -22.09 -39.08 -13.93
N THR D 177 -21.00 -39.13 -14.69
CA THR D 177 -20.94 -39.93 -15.90
C THR D 177 -19.95 -41.09 -15.84
N LYS D 178 -19.00 -41.06 -14.91
CA LYS D 178 -17.98 -42.10 -14.84
C LYS D 178 -17.52 -42.33 -13.41
N ALA D 179 -17.17 -43.59 -13.11
CA ALA D 179 -16.79 -43.99 -11.75
C ALA D 179 -15.78 -45.14 -11.76
N TYR D 180 -15.01 -45.17 -10.67
CA TYR D 180 -13.96 -46.14 -10.46
C TYR D 180 -13.98 -46.61 -9.03
N MET D 181 -13.70 -47.91 -8.84
N MET D 181 -13.71 -47.90 -8.83
CA MET D 181 -13.44 -48.49 -7.54
CA MET D 181 -13.44 -48.41 -7.49
C MET D 181 -11.92 -48.66 -7.39
C MET D 181 -11.95 -48.70 -7.35
N LEU D 182 -11.36 -48.15 -6.30
CA LEU D 182 -9.92 -48.28 -6.04
C LEU D 182 -9.72 -49.00 -4.72
N THR D 183 -8.93 -50.06 -4.77
CA THR D 183 -8.74 -50.96 -3.62
C THR D 183 -7.29 -51.40 -3.60
N GLU D 184 -6.92 -52.16 -2.57
CA GLU D 184 -5.55 -52.70 -2.39
C GLU D 184 -4.52 -51.57 -2.24
N ILE D 185 -4.74 -50.78 -1.20
CA ILE D 185 -3.93 -49.61 -0.90
C ILE D 185 -2.50 -50.04 -0.58
N ASN D 186 -1.54 -49.25 -1.04
CA ASN D 186 -0.11 -49.46 -0.76
C ASN D 186 0.32 -48.72 0.51
N ASP D 187 1.53 -49.04 0.97
CA ASP D 187 2.14 -48.33 2.08
C ASP D 187 2.55 -46.93 1.61
N ILE D 188 2.34 -45.95 2.47
CA ILE D 188 2.47 -44.54 2.07
C ILE D 188 3.83 -43.92 2.35
N THR D 189 4.77 -44.66 2.92
CA THR D 189 6.06 -44.08 3.29
C THR D 189 6.78 -43.57 2.06
N SER D 190 6.86 -44.41 1.03
CA SER D 190 7.56 -44.05 -0.20
C SER D 190 6.81 -42.95 -0.96
N LEU D 191 5.50 -42.97 -0.86
CA LEU D 191 4.66 -42.01 -1.56
C LEU D 191 4.83 -40.62 -0.99
N ILE D 192 4.93 -40.53 0.34
CA ILE D 192 5.22 -39.28 1.02
C ILE D 192 6.62 -38.81 0.64
N ASN D 193 7.60 -39.70 0.79
CA ASN D 193 9.00 -39.31 0.58
C ASN D 193 9.31 -38.97 -0.88
N ASP D 194 8.62 -39.64 -1.81
CA ASP D 194 8.77 -39.38 -3.24
C ASP D 194 7.92 -38.21 -3.73
N GLY D 195 7.13 -37.60 -2.84
CA GLY D 195 6.34 -36.41 -3.16
C GLY D 195 5.10 -36.67 -3.98
N VAL D 196 4.55 -37.87 -3.84
CA VAL D 196 3.38 -38.28 -4.64
C VAL D 196 2.13 -37.92 -3.85
N LEU D 197 2.10 -38.39 -2.61
CA LEU D 197 1.08 -38.06 -1.64
C LEU D 197 1.52 -36.77 -0.95
N VAL D 198 0.62 -35.79 -0.90
CA VAL D 198 0.95 -34.49 -0.34
C VAL D 198 0.06 -34.11 0.81
N MET D 199 0.50 -33.12 1.58
CA MET D 199 -0.29 -32.59 2.68
C MET D 199 -0.61 -31.12 2.42
N ASP D 200 -1.89 -30.76 2.49
CA ASP D 200 -2.27 -29.36 2.35
C ASP D 200 -2.70 -28.80 3.71
N LEU D 201 -2.16 -27.62 4.07
CA LEU D 201 -2.66 -26.86 5.21
C LEU D 201 -3.61 -25.83 4.63
N CYS D 202 -4.80 -25.76 5.20
CA CYS D 202 -5.84 -24.82 4.76
C CYS D 202 -6.47 -24.16 5.96
N ILE D 203 -5.82 -23.11 6.45
CA ILE D 203 -6.33 -22.37 7.60
C ILE D 203 -6.47 -20.92 7.21
N ASP D 204 -7.56 -20.28 7.60
CA ASP D 204 -7.67 -18.84 7.40
C ASP D 204 -8.58 -18.20 8.44
N GLN D 205 -8.61 -16.88 8.41
CA GLN D 205 -9.24 -16.08 9.46
C GLN D 205 -9.63 -14.71 8.91
N ASP D 206 -10.88 -14.32 9.11
CA ASP D 206 -11.36 -13.00 8.73
C ASP D 206 -10.87 -11.98 9.77
N LEU D 207 -10.00 -11.06 9.33
CA LEU D 207 -9.34 -10.12 10.23
C LEU D 207 -10.24 -8.99 10.71
N SER D 208 -11.45 -8.86 10.14
CA SER D 208 -12.45 -7.91 10.63
C SER D 208 -13.28 -8.48 11.78
N LYS D 209 -12.99 -9.72 12.17
CA LYS D 209 -13.73 -10.38 13.23
C LYS D 209 -12.82 -10.98 14.28
N SER D 210 -13.40 -11.23 15.46
CA SER D 210 -12.64 -11.71 16.62
C SER D 210 -12.75 -13.24 16.77
N LYS D 211 -13.31 -13.90 15.75
CA LYS D 211 -13.26 -15.34 15.65
C LYS D 211 -11.79 -15.81 15.51
N GLY D 212 -11.49 -16.97 16.08
CA GLY D 212 -10.21 -17.61 15.85
C GLY D 212 -10.15 -18.19 14.43
N PRO D 213 -9.00 -18.74 14.07
CA PRO D 213 -8.87 -19.28 12.72
C PRO D 213 -9.67 -20.57 12.50
N HIS D 214 -9.97 -20.81 11.23
CA HIS D 214 -10.69 -21.99 10.79
C HIS D 214 -9.67 -22.91 10.12
N ASP D 215 -9.27 -23.91 10.88
CA ASP D 215 -8.41 -24.94 10.40
C ASP D 215 -9.32 -26.03 9.87
N ARG D 216 -9.23 -26.28 8.57
CA ARG D 216 -10.04 -27.30 7.89
C ARG D 216 -9.50 -28.71 8.03
N GLY D 217 -8.40 -28.82 8.76
CA GLY D 217 -7.73 -30.07 9.02
C GLY D 217 -6.69 -30.29 7.94
N PRO D 218 -5.46 -30.64 8.33
CA PRO D 218 -4.52 -30.95 7.25
C PRO D 218 -5.00 -32.06 6.32
N HIS D 219 -4.91 -31.78 5.01
CA HIS D 219 -5.44 -32.62 3.95
C HIS D 219 -4.35 -33.56 3.51
N LEU D 220 -4.60 -34.84 3.52
CA LEU D 220 -3.76 -35.78 2.79
C LEU D 220 -4.35 -35.84 1.40
N ARG D 221 -3.54 -35.56 0.37
CA ARG D 221 -4.03 -35.42 -0.99
C ARG D 221 -3.18 -36.19 -1.98
N ILE D 222 -3.80 -36.56 -3.10
CA ILE D 222 -3.06 -37.19 -4.18
C ILE D 222 -3.59 -36.72 -5.54
N PRO D 223 -2.69 -36.50 -6.52
CA PRO D 223 -3.16 -36.21 -7.87
C PRO D 223 -3.86 -37.41 -8.46
N ILE D 224 -4.96 -37.17 -9.17
CA ILE D 224 -5.74 -38.24 -9.78
C ILE D 224 -4.85 -39.08 -10.70
N SER D 225 -3.95 -38.45 -11.43
CA SER D 225 -3.05 -39.16 -12.32
C SER D 225 -2.05 -40.12 -11.63
N LYS D 226 -1.98 -40.06 -10.29
CA LYS D 226 -1.05 -40.88 -9.52
C LYS D 226 -1.77 -41.86 -8.60
N LEU D 227 -3.07 -42.01 -8.78
CA LEU D 227 -3.86 -42.90 -7.93
C LEU D 227 -3.44 -44.37 -8.02
N ASP D 228 -2.83 -44.75 -9.14
CA ASP D 228 -2.31 -46.12 -9.30
C ASP D 228 -1.02 -46.39 -8.47
N LYS D 229 -0.42 -45.34 -7.93
CA LYS D 229 0.69 -45.45 -6.98
C LYS D 229 0.20 -45.74 -5.56
N LEU D 230 -1.03 -45.30 -5.28
CA LEU D 230 -1.65 -45.48 -3.98
C LEU D 230 -2.44 -46.78 -3.92
N TYR D 231 -3.21 -47.06 -4.99
CA TYR D 231 -4.04 -48.26 -5.08
C TYR D 231 -3.56 -49.26 -6.13
N ARG D 232 -3.52 -50.53 -5.74
CA ARG D 232 -3.10 -51.60 -6.66
C ARG D 232 -4.20 -52.05 -7.62
N ASN D 233 -5.47 -51.95 -7.20
CA ASN D 233 -6.58 -52.39 -8.02
C ASN D 233 -7.53 -51.24 -8.31
N ILE D 234 -7.66 -50.93 -9.59
CA ILE D 234 -8.55 -49.87 -10.05
C ILE D 234 -9.49 -50.51 -11.07
N GLU D 235 -10.80 -50.37 -10.82
CA GLU D 235 -11.83 -50.91 -11.68
C GLU D 235 -12.79 -49.84 -12.15
N ARG D 236 -13.06 -49.81 -13.45
CA ARG D 236 -14.12 -48.99 -14.02
C ARG D 236 -15.50 -49.57 -13.71
N LEU D 237 -16.35 -48.74 -13.09
CA LEU D 237 -17.69 -49.12 -12.63
C LEU D 237 -18.79 -48.54 -13.52
N LEU D 238 -18.53 -47.34 -14.02
CA LEU D 238 -19.49 -46.57 -14.78
C LEU D 238 -18.72 -45.80 -15.84
#